data_4CFO
#
_entry.id   4CFO
#
_cell.length_a   49.206
_cell.length_b   112.814
_cell.length_c   61.571
_cell.angle_alpha   90.00
_cell.angle_beta   93.52
_cell.angle_gamma   90.00
#
_symmetry.space_group_name_H-M   'P 1 21 1'
#
loop_
_entity.id
_entity.type
_entity.pdbx_description
1 polymer MLTC
2 branched '2-acetamido-2-deoxy-beta-D-glucopyranose-(1-4)-2-acetamido-3-O-[(2R)-1-amino-1-oxopropan-2-yl]-2-deoxy-beta-D-glucopyranose-(1-4)-2-acetamido-2-deoxy-beta-D-glucopyranose-(1-4)-methyl 2-acetamido-3-O-[(2R)-1-amino-1-oxopropan-2-yl]-2-deoxy-beta-D-glucopyranoside'
3 water water
#
_entity_poly.entity_id   1
_entity_poly.type   'polypeptide(L)'
_entity_poly.pdbx_seq_one_letter_code
;MTKKGDTYNEAWVKDTNGFDILMGQFAHNIENIWGFKEVVIAGPKDYVKYTDQYQTRSHINFDDGTITIETIAGTEPAAH
LRRAIIKTLLMGDDPSSVDLYSDVDDITISKEPFLYGQVVDNTGQPIRWEGRASNFADYLLKNRLKSRSNGLRIIYSVTI
NMVPNHLDKRAHKYLGMVRQASRKYGVDESLILAIMQTQSSFNPYAVSRSDALGLMQVVQHTAGKDVFRSQGKSGTPSRS
FLFDPASNIDTGTAYLAMLNNVYLGGIDNPTSRRYAVITAYNGGAGSVLRVFSNDKIQAANIINTMTPGDVYQTLTTRHP
SAESRRYLYKVNTAQKSYRRR
;
_entity_poly.pdbx_strand_id   A,B
#
loop_
_chem_comp.id
_chem_comp.type
_chem_comp.name
_chem_comp.formula
NAG D-saccharide, beta linking 2-acetamido-2-deoxy-beta-D-glucopyranose 'C8 H15 N O6'
NM6 D-saccharide, beta linking 2-acetamido-3-O-[(2R)-1-amino-1-oxopropan-2-yl]-2-deoxy-beta-D-glucopyranose 'C11 H20 N2 O7'
NM9 D-saccharide 'methyl 2-acetamido-3-O-[(2R)-1-amino-1-oxopropan-2-yl]-2-deoxy-beta-D-glucopyranoside' 'C12 H22 N2 O7'
#
# COMPACT_ATOMS: atom_id res chain seq x y z
N ASP A 15 20.27 26.96 15.53
CA ASP A 15 21.43 26.44 16.34
C ASP A 15 21.55 27.17 17.68
N THR A 16 20.61 26.88 18.57
CA THR A 16 20.63 27.31 19.98
C THR A 16 20.44 26.08 20.90
N ASN A 17 21.27 25.04 20.71
CA ASN A 17 21.02 23.71 21.35
C ASN A 17 21.52 23.58 22.80
N GLY A 18 22.83 23.43 23.02
CA GLY A 18 23.39 23.19 24.38
C GLY A 18 23.20 21.75 24.86
N PHE A 19 22.80 20.92 23.89
CA PHE A 19 22.56 19.51 24.00
C PHE A 19 23.91 18.82 24.01
N ASP A 20 24.79 19.33 23.16
CA ASP A 20 26.19 18.95 23.08
C ASP A 20 26.89 18.77 24.42
N ILE A 21 26.65 19.70 25.33
CA ILE A 21 27.23 19.62 26.69
C ILE A 21 26.79 18.36 27.50
N LEU A 22 25.56 17.89 27.26
CA LEU A 22 25.02 16.72 27.97
C LEU A 22 25.54 15.48 27.30
N MET A 23 25.41 15.44 25.99
CA MET A 23 25.92 14.35 25.17
C MET A 23 27.39 14.07 25.49
N GLY A 24 28.18 15.12 25.68
CA GLY A 24 29.58 14.94 26.03
C GLY A 24 29.82 14.35 27.40
N GLN A 25 28.91 14.60 28.33
CA GLN A 25 29.09 14.05 29.69
C GLN A 25 28.37 12.74 29.93
N PHE A 26 27.40 12.45 29.08
CA PHE A 26 26.85 11.12 28.98
C PHE A 26 27.96 10.13 28.67
N ALA A 27 28.69 10.39 27.60
CA ALA A 27 29.75 9.47 27.15
C ALA A 27 30.81 9.28 28.22
N HIS A 28 31.20 10.40 28.83
CA HIS A 28 32.20 10.38 29.87
C HIS A 28 31.68 9.68 31.15
N ASN A 29 30.44 9.96 31.51
CA ASN A 29 29.76 9.15 32.54
C ASN A 29 29.91 7.68 32.24
N ILE A 30 29.82 7.32 30.97
CA ILE A 30 29.94 5.92 30.58
C ILE A 30 31.33 5.44 30.82
N GLU A 31 32.31 6.12 30.25
CA GLU A 31 33.67 5.58 30.31
C GLU A 31 34.17 5.54 31.74
N ASN A 32 33.67 6.46 32.58
CA ASN A 32 33.97 6.43 34.02
C ASN A 32 33.66 5.10 34.69
N ILE A 33 32.69 4.41 34.10
CA ILE A 33 32.18 3.14 34.59
C ILE A 33 32.62 2.02 33.67
N TRP A 34 32.47 2.19 32.35
CA TRP A 34 32.76 1.09 31.39
C TRP A 34 34.20 1.10 30.84
N GLY A 35 34.85 2.26 30.91
CA GLY A 35 36.17 2.44 30.35
C GLY A 35 36.00 2.92 28.95
N PHE A 36 37.02 3.57 28.41
CA PHE A 36 36.91 4.21 27.11
C PHE A 36 36.56 3.18 26.02
N LYS A 37 37.17 1.99 26.11
CA LYS A 37 36.95 0.94 25.12
C LYS A 37 35.51 0.42 25.10
N GLU A 38 34.88 0.30 26.25
CA GLU A 38 33.51 -0.18 26.28
C GLU A 38 32.45 0.92 26.18
N VAL A 39 32.76 2.04 25.54
CA VAL A 39 31.76 3.11 25.35
C VAL A 39 30.91 2.83 24.09
N VAL A 40 29.77 2.18 24.31
CA VAL A 40 28.77 1.92 23.31
C VAL A 40 27.68 2.92 23.54
N ILE A 41 27.17 3.47 22.44
CA ILE A 41 26.12 4.49 22.54
C ILE A 41 25.08 4.42 21.42
N ALA A 42 23.90 4.95 21.72
CA ALA A 42 22.82 5.02 20.74
C ALA A 42 23.29 5.57 19.40
N GLY A 43 22.83 4.90 18.35
CA GLY A 43 22.95 5.41 16.97
C GLY A 43 21.65 5.22 16.20
N PRO A 44 21.68 5.36 14.86
CA PRO A 44 20.50 5.17 13.98
C PRO A 44 20.00 3.74 13.96
N LYS A 45 20.91 2.82 13.77
CA LYS A 45 20.53 1.42 13.67
C LYS A 45 20.75 0.72 14.99
N ASP A 46 20.75 1.45 16.10
CA ASP A 46 21.07 0.85 17.39
C ASP A 46 20.51 1.61 18.54
N TYR A 47 19.48 1.03 19.16
CA TYR A 47 18.96 1.52 20.43
C TYR A 47 19.95 1.14 21.49
N VAL A 48 20.30 2.04 22.40
CA VAL A 48 21.14 1.76 23.53
C VAL A 48 20.72 2.66 24.67
N LYS A 49 20.43 2.08 25.82
CA LYS A 49 19.86 2.83 26.96
C LYS A 49 20.54 2.38 28.26
N TYR A 50 21.15 3.32 28.96
CA TYR A 50 21.82 3.01 30.23
C TYR A 50 20.86 3.26 31.38
N THR A 51 21.01 2.47 32.43
CA THR A 51 20.21 2.59 33.64
C THR A 51 21.12 2.14 34.80
N ASP A 52 20.59 2.12 36.02
CA ASP A 52 21.35 1.67 37.21
C ASP A 52 22.66 2.42 37.32
N GLN A 53 22.56 3.74 37.26
CA GLN A 53 23.72 4.60 37.25
C GLN A 53 24.75 4.22 36.16
N TYR A 54 24.26 3.92 34.97
CA TYR A 54 25.14 3.66 33.82
C TYR A 54 25.84 2.32 33.93
N GLN A 55 25.43 1.48 34.88
CA GLN A 55 26.00 0.15 35.03
C GLN A 55 25.32 -0.90 34.19
N THR A 56 24.27 -0.50 33.46
CA THR A 56 23.49 -1.44 32.70
C THR A 56 23.13 -0.89 31.33
N ARG A 57 23.16 -1.79 30.36
CA ARG A 57 23.02 -1.44 28.98
C ARG A 57 21.90 -2.25 28.42
N SER A 58 20.99 -1.64 27.68
CA SER A 58 20.05 -2.40 26.86
C SER A 58 20.23 -1.90 25.46
N HIS A 59 20.66 -2.80 24.58
CA HIS A 59 21.11 -2.45 23.26
C HIS A 59 20.35 -3.31 22.32
N ILE A 60 19.47 -2.70 21.51
CA ILE A 60 18.83 -3.36 20.38
C ILE A 60 19.55 -2.98 19.09
N ASN A 61 19.93 -3.97 18.30
CA ASN A 61 20.63 -3.73 17.04
C ASN A 61 19.72 -4.09 15.89
N PHE A 62 19.29 -3.09 15.16
CA PHE A 62 18.17 -3.26 14.23
C PHE A 62 18.52 -3.77 12.87
N ASP A 63 19.77 -4.15 12.64
CA ASP A 63 20.02 -4.90 11.42
C ASP A 63 20.71 -6.22 11.66
N ASP A 64 21.10 -6.53 12.91
CA ASP A 64 21.73 -7.82 13.22
C ASP A 64 20.87 -9.08 13.43
N GLY A 65 19.68 -9.02 14.01
CA GLY A 65 19.19 -7.97 14.86
C GLY A 65 19.10 -8.67 16.22
N THR A 66 20.04 -8.33 17.10
CA THR A 66 20.18 -8.99 18.35
C THR A 66 19.69 -8.05 19.43
N ILE A 67 19.58 -8.53 20.67
CA ILE A 67 19.24 -7.66 21.79
C ILE A 67 20.17 -7.96 22.96
N THR A 68 21.43 -7.52 22.89
CA THR A 68 22.35 -7.76 23.97
C THR A 68 22.05 -6.86 25.16
N ILE A 69 21.78 -7.45 26.30
CA ILE A 69 21.71 -6.73 27.55
C ILE A 69 22.91 -7.13 28.35
N GLU A 70 23.65 -6.11 28.82
CA GLU A 70 24.87 -6.27 29.64
C GLU A 70 24.79 -5.37 30.85
N THR A 71 25.45 -5.83 31.92
CA THR A 71 25.62 -5.02 33.12
C THR A 71 27.05 -5.12 33.59
N ILE A 72 27.49 -4.13 34.33
CA ILE A 72 28.82 -4.22 34.94
C ILE A 72 28.76 -3.94 36.43
N ALA A 73 27.56 -3.89 36.97
CA ALA A 73 27.42 -3.77 38.41
C ALA A 73 28.08 -4.98 39.09
N GLY A 74 28.77 -4.70 40.19
CA GLY A 74 29.43 -5.74 40.96
C GLY A 74 28.42 -6.50 41.77
N THR A 75 27.39 -5.78 42.20
CA THR A 75 26.50 -6.27 43.22
C THR A 75 25.23 -6.71 42.53
N GLU A 76 24.85 -7.97 42.72
CA GLU A 76 23.71 -8.60 42.06
C GLU A 76 23.58 -8.26 40.57
N PRO A 77 24.43 -8.87 39.72
CA PRO A 77 24.35 -8.69 38.26
C PRO A 77 23.00 -9.09 37.65
N ALA A 78 22.45 -10.20 38.14
CA ALA A 78 21.23 -10.79 37.61
C ALA A 78 20.07 -9.88 37.81
N ALA A 79 19.88 -9.42 39.02
CA ALA A 79 18.74 -8.56 39.30
C ALA A 79 18.83 -7.34 38.40
N HIS A 80 20.04 -6.81 38.21
CA HIS A 80 20.20 -5.66 37.36
C HIS A 80 19.81 -6.03 35.96
N LEU A 81 20.44 -7.08 35.40
CA LEU A 81 20.13 -7.60 34.06
C LEU A 81 18.66 -7.87 33.92
N ARG A 82 18.13 -8.71 34.80
CA ARG A 82 16.73 -9.12 34.78
C ARG A 82 15.86 -7.95 34.35
N ARG A 83 15.88 -6.90 35.15
CA ARG A 83 15.03 -5.73 34.96
C ARG A 83 15.24 -5.03 33.62
N ALA A 84 16.42 -5.15 33.02
CA ALA A 84 16.64 -4.54 31.70
C ALA A 84 15.93 -5.34 30.65
N ILE A 85 15.97 -6.65 30.78
CA ILE A 85 15.35 -7.60 29.85
C ILE A 85 13.84 -7.35 29.78
N ILE A 86 13.24 -7.27 30.96
CA ILE A 86 11.84 -7.00 31.06
C ILE A 86 11.48 -5.61 30.51
N LYS A 87 12.34 -4.63 30.79
CA LYS A 87 12.13 -3.30 30.29
C LYS A 87 12.23 -3.32 28.77
N THR A 88 13.32 -3.82 28.20
CA THR A 88 13.47 -3.81 26.72
C THR A 88 12.36 -4.57 25.99
N LEU A 89 12.10 -5.81 26.41
CA LEU A 89 11.02 -6.64 25.83
C LEU A 89 9.58 -6.05 25.86
N LEU A 90 9.26 -5.26 26.88
CA LEU A 90 7.89 -4.75 27.04
C LEU A 90 7.69 -3.30 26.66
N MET A 91 8.77 -2.56 26.44
CA MET A 91 8.66 -1.13 26.31
C MET A 91 7.87 -0.85 25.04
N GLY A 92 6.89 0.05 25.22
CA GLY A 92 6.09 0.57 24.14
C GLY A 92 6.92 1.56 23.39
N ASP A 93 6.60 1.69 22.11
CA ASP A 93 7.38 2.52 21.21
C ASP A 93 6.94 3.97 21.26
N ASP A 94 7.04 4.57 22.43
CA ASP A 94 6.88 6.01 22.52
C ASP A 94 8.29 6.63 22.47
N PRO A 95 8.76 7.01 21.26
CA PRO A 95 10.16 7.44 21.20
C PRO A 95 10.36 8.84 21.77
N SER A 96 9.27 9.61 21.86
CA SER A 96 9.33 10.97 22.30
C SER A 96 9.56 11.07 23.82
N SER A 97 8.96 10.16 24.59
CA SER A 97 9.19 10.09 26.04
C SER A 97 10.48 9.38 26.45
N VAL A 98 11.45 9.30 25.53
CA VAL A 98 12.62 8.44 25.74
C VAL A 98 13.95 9.18 25.50
N ASP A 99 14.69 9.42 26.57
CA ASP A 99 16.01 9.98 26.45
C ASP A 99 17.05 8.86 26.39
N LEU A 100 17.51 8.55 25.19
CA LEU A 100 18.58 7.60 25.00
C LEU A 100 19.93 8.15 25.43
N TYR A 101 19.94 9.32 26.08
CA TYR A 101 21.18 9.92 26.59
C TYR A 101 21.17 10.20 28.06
N SER A 102 20.19 9.72 28.80
CA SER A 102 20.32 9.79 30.24
C SER A 102 20.26 8.37 30.79
N ASP A 103 20.77 8.18 32.02
CA ASP A 103 20.58 6.90 32.72
C ASP A 103 19.32 6.97 33.55
N VAL A 104 18.52 7.98 33.25
CA VAL A 104 17.21 8.16 33.84
C VAL A 104 16.26 7.09 33.30
N ASP A 105 15.39 6.62 34.19
CA ASP A 105 14.32 5.65 33.89
C ASP A 105 13.24 6.26 33.02
N ASP A 106 13.16 5.84 31.77
CA ASP A 106 12.04 6.17 30.88
C ASP A 106 11.01 5.06 31.03
N ILE A 107 10.05 5.29 31.91
CA ILE A 107 9.08 4.27 32.27
C ILE A 107 8.10 4.14 31.11
N THR A 108 8.45 3.27 30.18
CA THR A 108 7.73 3.18 28.94
C THR A 108 7.09 1.79 28.82
N ILE A 109 6.71 1.18 29.94
CA ILE A 109 6.11 -0.15 29.91
C ILE A 109 4.73 -0.04 29.31
N SER A 110 4.49 -0.79 28.24
CA SER A 110 3.20 -0.77 27.62
C SER A 110 2.65 -2.18 27.37
N LYS A 111 1.33 -2.22 27.21
CA LYS A 111 0.60 -3.39 26.78
C LYS A 111 0.78 -3.63 25.27
N GLU A 112 1.32 -2.61 24.59
CA GLU A 112 1.69 -2.72 23.19
C GLU A 112 3.20 -2.50 23.00
N PRO A 113 4.01 -3.49 23.38
CA PRO A 113 5.46 -3.47 23.16
C PRO A 113 5.88 -3.21 21.73
N PHE A 114 6.86 -2.33 21.58
CA PHE A 114 7.53 -2.11 20.31
C PHE A 114 8.16 -3.36 19.64
N LEU A 115 8.68 -4.28 20.44
CA LEU A 115 9.30 -5.52 19.94
C LEU A 115 8.33 -6.70 19.80
N TYR A 116 7.05 -6.53 20.17
CA TYR A 116 6.03 -7.57 20.07
C TYR A 116 5.83 -8.00 18.63
N GLY A 117 6.00 -9.28 18.35
CA GLY A 117 6.16 -9.75 16.96
C GLY A 117 7.60 -9.81 16.44
N GLN A 118 8.55 -9.23 17.15
CA GLN A 118 9.91 -9.11 16.65
C GLN A 118 10.93 -9.92 17.41
N VAL A 119 10.54 -10.46 18.57
CA VAL A 119 11.36 -11.33 19.40
C VAL A 119 10.43 -12.31 20.09
N VAL A 120 10.88 -13.53 20.31
CA VAL A 120 10.02 -14.58 20.90
C VAL A 120 10.63 -15.27 22.12
N ASP A 121 9.77 -15.90 22.93
CA ASP A 121 10.16 -16.80 24.03
C ASP A 121 11.12 -17.85 23.54
N ASN A 122 11.69 -18.58 24.49
CA ASN A 122 12.31 -19.90 24.23
C ASN A 122 11.22 -20.87 23.82
N THR A 123 10.05 -20.69 24.42
CA THR A 123 8.79 -21.28 23.97
C THR A 123 8.47 -21.06 22.50
N GLY A 124 8.91 -19.92 21.96
CA GLY A 124 8.62 -19.58 20.58
C GLY A 124 7.43 -18.65 20.43
N GLN A 125 6.93 -18.10 21.54
CA GLN A 125 5.81 -17.15 21.52
C GLN A 125 6.26 -15.68 21.72
N PRO A 126 5.44 -14.70 21.22
CA PRO A 126 5.58 -13.27 21.48
C PRO A 126 5.46 -12.88 22.94
N ILE A 127 6.27 -11.92 23.36
CA ILE A 127 6.27 -11.46 24.74
C ILE A 127 5.46 -10.20 24.79
N ARG A 128 4.51 -10.16 25.71
CA ARG A 128 3.57 -9.08 25.74
C ARG A 128 3.34 -8.60 27.15
N TRP A 129 3.34 -9.50 28.10
CA TRP A 129 3.05 -9.12 29.46
C TRP A 129 4.25 -9.46 30.36
N GLU A 130 4.24 -8.95 31.59
CA GLU A 130 5.38 -9.15 32.52
C GLU A 130 5.63 -10.65 32.81
N GLY A 131 4.54 -11.44 32.85
CA GLY A 131 4.63 -12.85 33.14
C GLY A 131 5.51 -13.65 32.20
N ARG A 132 5.43 -13.39 30.91
CA ARG A 132 6.31 -14.08 29.93
C ARG A 132 7.65 -13.37 29.92
N ALA A 133 7.62 -12.06 30.02
CA ALA A 133 8.82 -11.28 30.02
C ALA A 133 9.67 -11.77 31.19
N SER A 134 9.09 -11.83 32.38
CA SER A 134 9.78 -12.41 33.56
C SER A 134 10.41 -13.79 33.29
N ASN A 135 9.63 -14.64 32.63
CA ASN A 135 10.06 -15.97 32.31
C ASN A 135 11.14 -16.03 31.25
N PHE A 136 11.01 -15.20 30.23
CA PHE A 136 12.05 -15.23 29.23
C PHE A 136 13.34 -14.74 29.85
N ALA A 137 13.19 -13.74 30.70
CA ALA A 137 14.29 -13.18 31.43
C ALA A 137 14.95 -14.26 32.28
N ASP A 138 14.15 -14.91 33.11
CA ASP A 138 14.66 -15.89 34.05
C ASP A 138 15.26 -17.10 33.37
N TYR A 139 14.71 -17.48 32.22
CA TYR A 139 15.34 -18.50 31.43
C TYR A 139 16.75 -18.06 31.09
N LEU A 140 16.86 -16.90 30.45
CA LEU A 140 18.13 -16.43 29.95
C LEU A 140 19.21 -16.23 31.04
N LEU A 141 18.79 -15.87 32.25
CA LEU A 141 19.74 -15.66 33.36
C LEU A 141 20.27 -16.99 33.94
N LYS A 142 19.43 -18.01 33.85
CA LYS A 142 19.81 -19.35 34.34
C LYS A 142 20.44 -20.19 33.24
N ASN A 143 20.25 -19.82 31.97
CA ASN A 143 20.52 -20.75 30.89
C ASN A 143 21.19 -20.15 29.69
N ARG A 144 21.36 -18.83 29.67
CA ARG A 144 22.08 -18.14 28.57
C ARG A 144 23.06 -17.06 29.01
N LEU A 145 23.37 -16.98 30.30
CA LEU A 145 24.21 -15.92 30.83
C LEU A 145 25.62 -16.03 30.30
N LYS A 146 26.32 -14.90 30.24
CA LYS A 146 27.68 -14.87 29.71
C LYS A 146 28.52 -13.85 30.41
N SER A 147 29.81 -13.90 30.14
CA SER A 147 30.79 -13.08 30.82
C SER A 147 31.91 -12.68 29.89
N ARG A 148 32.41 -11.47 30.12
CA ARG A 148 33.59 -10.97 29.46
C ARG A 148 34.21 -10.08 30.52
N SER A 149 35.27 -9.40 30.16
CA SER A 149 35.93 -8.46 31.07
C SER A 149 36.24 -7.15 30.33
N ASN A 150 36.08 -6.03 31.06
CA ASN A 150 36.73 -4.75 30.78
C ASN A 150 38.19 -4.92 30.50
N GLY A 151 38.81 -5.84 31.23
CA GLY A 151 40.21 -5.81 31.52
C GLY A 151 40.31 -5.55 33.01
N LEU A 152 39.19 -5.20 33.62
CA LEU A 152 39.17 -4.67 34.96
C LEU A 152 38.10 -5.36 35.77
N ARG A 153 36.87 -5.22 35.31
CA ARG A 153 35.71 -5.83 35.90
C ARG A 153 35.06 -6.81 34.92
N ILE A 154 34.31 -7.77 35.46
CA ILE A 154 33.50 -8.66 34.66
C ILE A 154 32.28 -7.91 34.21
N ILE A 155 31.83 -8.26 33.00
CA ILE A 155 30.62 -7.71 32.40
C ILE A 155 29.69 -8.87 32.12
N TYR A 156 28.53 -8.88 32.74
CA TYR A 156 27.59 -10.00 32.58
C TYR A 156 26.63 -9.67 31.45
N SER A 157 26.36 -10.66 30.60
CA SER A 157 25.65 -10.43 29.36
C SER A 157 24.58 -11.49 29.06
N VAL A 158 23.44 -11.02 28.59
CA VAL A 158 22.41 -11.86 27.99
C VAL A 158 22.29 -11.39 26.55
N THR A 159 22.02 -12.34 25.65
CA THR A 159 21.86 -12.04 24.24
C THR A 159 20.62 -12.77 23.67
N ILE A 160 19.87 -12.07 22.83
CA ILE A 160 18.55 -12.51 22.38
C ILE A 160 18.50 -12.25 20.89
N ASN A 161 18.26 -13.25 20.08
CA ASN A 161 18.06 -12.97 18.67
C ASN A 161 16.57 -12.71 18.38
N MET A 162 16.34 -11.80 17.44
CA MET A 162 15.01 -11.37 17.11
C MET A 162 14.57 -12.24 15.98
N VAL A 163 13.27 -12.26 15.70
CA VAL A 163 12.73 -13.14 14.66
C VAL A 163 13.42 -12.76 13.36
N PRO A 164 13.65 -13.70 12.44
CA PRO A 164 14.48 -13.45 11.26
C PRO A 164 14.00 -12.34 10.33
N ASN A 165 12.68 -12.15 10.31
CA ASN A 165 12.03 -11.10 9.55
C ASN A 165 11.57 -9.95 10.45
N HIS A 166 12.28 -9.76 11.55
CA HIS A 166 12.10 -8.58 12.38
C HIS A 166 12.10 -7.24 11.58
N LEU A 167 12.89 -7.13 10.50
CA LEU A 167 12.97 -5.89 9.71
C LEU A 167 11.71 -5.53 8.96
N ASP A 168 11.12 -6.53 8.31
CA ASP A 168 9.91 -6.31 7.55
C ASP A 168 8.72 -6.43 8.45
N LYS A 169 8.97 -6.90 9.68
CA LYS A 169 7.94 -6.90 10.73
C LYS A 169 7.88 -5.53 11.33
N ARG A 170 9.03 -4.83 11.32
CA ARG A 170 9.19 -3.47 11.82
C ARG A 170 8.81 -2.49 10.74
N ALA A 171 9.26 -2.76 9.53
CA ALA A 171 8.86 -1.92 8.42
C ALA A 171 7.34 -1.85 8.29
N HIS A 172 6.61 -2.87 8.79
CA HIS A 172 5.14 -2.93 8.64
C HIS A 172 4.43 -1.86 9.45
N LYS A 173 5.07 -1.35 10.49
CA LYS A 173 4.45 -0.29 11.28
C LYS A 173 4.21 0.99 10.47
N TYR A 174 5.02 1.19 9.44
CA TYR A 174 5.18 2.52 8.85
C TYR A 174 4.64 2.61 7.44
N LEU A 175 4.13 1.51 6.94
CA LEU A 175 3.53 1.49 5.59
C LEU A 175 2.37 2.48 5.39
N GLY A 176 1.33 2.42 6.21
CA GLY A 176 0.28 3.47 6.17
C GLY A 176 0.80 4.90 6.14
N MET A 177 1.89 5.12 6.85
CA MET A 177 2.57 6.38 6.82
C MET A 177 3.31 6.59 5.52
N VAL A 178 4.07 5.59 5.08
CA VAL A 178 4.77 5.70 3.79
C VAL A 178 3.78 5.94 2.65
N ARG A 179 2.69 5.19 2.67
CA ARG A 179 1.69 5.28 1.61
C ARG A 179 1.11 6.69 1.51
N GLN A 180 0.66 7.24 2.64
CA GLN A 180 0.09 8.60 2.66
C GLN A 180 1.07 9.65 2.13
N ALA A 181 2.34 9.54 2.52
CA ALA A 181 3.33 10.57 2.21
C ALA A 181 3.78 10.41 0.79
N SER A 182 3.67 9.19 0.27
CA SER A 182 4.06 8.93 -1.09
C SER A 182 3.11 9.56 -2.09
N ARG A 183 1.83 9.69 -1.78
CA ARG A 183 0.90 10.22 -2.77
C ARG A 183 0.79 11.72 -2.63
N LYS A 184 0.90 12.18 -1.40
CA LYS A 184 0.92 13.59 -1.08
C LYS A 184 1.98 14.41 -1.82
N TYR A 185 3.18 13.85 -1.91
CA TYR A 185 4.34 14.49 -2.49
C TYR A 185 4.71 13.93 -3.84
N GLY A 186 4.18 12.78 -4.19
CA GLY A 186 4.52 12.19 -5.46
C GLY A 186 5.69 11.24 -5.43
N VAL A 187 6.27 10.98 -4.26
CA VAL A 187 7.50 10.18 -4.13
C VAL A 187 7.20 8.69 -4.05
N ASP A 188 7.91 7.88 -4.83
CA ASP A 188 7.67 6.44 -4.80
C ASP A 188 7.88 5.95 -3.36
N GLU A 189 6.99 5.08 -2.89
CA GLU A 189 7.12 4.41 -1.57
C GLU A 189 8.41 3.61 -1.50
N SER A 190 8.80 3.04 -2.63
CA SER A 190 10.00 2.24 -2.70
C SER A 190 11.19 3.10 -2.28
N LEU A 191 11.30 4.29 -2.85
CA LEU A 191 12.35 5.20 -2.45
C LEU A 191 12.28 5.47 -0.96
N ILE A 192 11.07 5.79 -0.50
CA ILE A 192 10.83 6.15 0.88
C ILE A 192 11.25 5.03 1.78
N LEU A 193 10.99 3.79 1.40
CA LEU A 193 11.33 2.62 2.23
C LEU A 193 12.80 2.31 2.16
N ALA A 194 13.34 2.35 0.95
CA ALA A 194 14.74 2.03 0.73
C ALA A 194 15.57 2.89 1.66
N ILE A 195 15.33 4.20 1.56
CA ILE A 195 15.98 5.19 2.38
C ILE A 195 15.67 4.93 3.84
N MET A 196 14.39 4.87 4.18
CA MET A 196 13.99 4.74 5.55
C MET A 196 14.70 3.55 6.16
N GLN A 197 14.73 2.46 5.38
CA GLN A 197 15.44 1.22 5.76
C GLN A 197 16.92 1.47 5.97
N THR A 198 17.52 1.98 4.91
CA THR A 198 18.96 2.21 4.86
C THR A 198 19.39 3.15 5.96
N GLN A 199 18.61 4.20 6.19
CA GLN A 199 18.93 5.18 7.22
C GLN A 199 18.76 4.70 8.65
N SER A 200 17.68 4.01 8.96
CA SER A 200 17.41 3.64 10.34
C SER A 200 17.15 2.18 10.60
N SER A 201 17.09 1.37 9.54
CA SER A 201 16.55 0.01 9.64
C SER A 201 15.20 0.05 10.36
N PHE A 202 14.41 1.08 10.09
CA PHE A 202 13.08 1.21 10.65
C PHE A 202 13.09 1.42 12.17
N ASN A 203 14.18 2.03 12.64
CA ASN A 203 14.34 2.28 14.05
C ASN A 203 13.69 3.62 14.39
N PRO A 204 12.59 3.59 15.15
CA PRO A 204 11.98 4.86 15.53
C PRO A 204 12.82 5.62 16.55
N TYR A 205 13.69 4.91 17.25
CA TYR A 205 14.57 5.54 18.23
C TYR A 205 15.86 6.09 17.59
N ALA A 206 16.00 5.87 16.28
CA ALA A 206 17.18 6.30 15.54
C ALA A 206 17.60 7.76 15.80
N VAL A 207 18.90 7.93 16.05
CA VAL A 207 19.48 9.23 16.29
C VAL A 207 20.97 9.24 15.96
N SER A 208 21.39 10.24 15.23
CA SER A 208 22.72 10.29 14.65
C SER A 208 23.67 11.05 15.57
N ARG A 209 24.95 10.96 15.23
CA ARG A 209 25.99 11.75 15.88
C ARG A 209 25.91 13.20 15.47
N SER A 210 25.34 13.42 14.30
CA SER A 210 25.14 14.73 13.75
C SER A 210 23.70 15.15 13.96
N ASP A 211 23.08 14.55 14.97
CA ASP A 211 21.63 14.63 15.24
C ASP A 211 20.80 14.76 13.98
N ALA A 212 20.89 13.74 13.14
CA ALA A 212 19.82 13.32 12.28
C ALA A 212 18.92 12.47 13.17
N LEU A 213 17.61 12.65 13.05
CA LEU A 213 16.65 12.06 13.95
C LEU A 213 15.65 11.10 13.27
N GLY A 214 15.28 10.05 13.97
CA GLY A 214 14.05 9.34 13.69
C GLY A 214 14.13 8.44 12.50
N LEU A 215 12.96 7.90 12.13
CA LEU A 215 12.92 6.82 11.15
C LEU A 215 13.66 7.17 9.86
N MET A 216 13.53 8.40 9.37
CA MET A 216 14.14 8.76 8.09
C MET A 216 15.39 9.59 8.32
N GLN A 217 15.94 9.51 9.53
CA GLN A 217 17.14 10.26 9.92
C GLN A 217 17.22 11.66 9.32
N VAL A 218 16.39 12.54 9.89
CA VAL A 218 16.22 13.92 9.41
C VAL A 218 16.82 14.85 10.44
N VAL A 219 17.67 15.79 10.02
CA VAL A 219 18.29 16.74 10.95
C VAL A 219 17.44 18.03 10.91
N GLN A 220 17.07 18.54 12.09
CA GLN A 220 16.18 19.69 12.20
C GLN A 220 16.60 20.86 11.32
N HIS A 221 17.89 21.22 11.35
CA HIS A 221 18.36 22.50 10.76
C HIS A 221 18.90 22.45 9.30
N THR A 222 18.67 21.38 8.55
CA THR A 222 18.91 21.42 7.09
C THR A 222 17.64 21.03 6.30
N ALA A 223 17.30 19.76 6.26
CA ALA A 223 16.12 19.32 5.53
C ALA A 223 14.85 19.76 6.25
N GLY A 224 14.89 19.73 7.57
CA GLY A 224 13.72 20.04 8.34
C GLY A 224 13.34 21.49 8.22
N LYS A 225 14.33 22.33 7.93
CA LYS A 225 14.12 23.78 7.76
C LYS A 225 13.60 24.02 6.38
N ASP A 226 14.34 23.51 5.40
CA ASP A 226 13.93 23.58 4.02
C ASP A 226 12.54 23.00 3.81
N VAL A 227 12.18 21.94 4.49
CA VAL A 227 10.86 21.43 4.31
C VAL A 227 9.84 22.35 4.93
N PHE A 228 10.01 22.66 6.18
CA PHE A 228 9.17 23.60 6.84
C PHE A 228 9.09 24.89 6.07
N ARG A 229 10.08 25.19 5.26
CA ARG A 229 10.12 26.41 4.45
C ARG A 229 9.29 26.29 3.21
N SER A 230 9.10 25.08 2.72
CA SER A 230 7.99 24.77 1.87
C SER A 230 6.88 24.67 2.88
N GLN A 231 5.67 24.38 2.51
CA GLN A 231 4.61 24.21 3.50
C GLN A 231 4.30 25.51 4.20
N GLY A 232 5.29 26.38 4.28
CA GLY A 232 5.04 27.77 4.64
C GLY A 232 5.17 28.11 6.08
N LYS A 233 6.10 27.44 6.70
CA LYS A 233 6.22 27.34 8.09
C LYS A 233 7.52 27.98 8.37
N SER A 234 7.48 29.13 9.02
CA SER A 234 8.67 29.75 9.58
C SER A 234 9.21 28.87 10.67
N GLY A 235 10.50 28.96 10.94
CA GLY A 235 11.09 28.12 11.99
C GLY A 235 11.33 26.68 11.57
N THR A 236 11.43 25.82 12.56
CA THR A 236 12.20 24.59 12.43
C THR A 236 11.53 23.45 13.17
N PRO A 237 11.64 22.22 12.63
CA PRO A 237 10.97 21.06 13.26
C PRO A 237 11.47 20.73 14.65
N SER A 238 10.51 20.56 15.55
CA SER A 238 10.70 20.11 16.93
C SER A 238 11.30 18.67 17.01
N ARG A 239 12.00 18.35 18.12
CA ARG A 239 12.53 16.98 18.35
C ARG A 239 11.35 16.03 18.48
N SER A 240 10.38 16.40 19.28
CA SER A 240 9.23 15.57 19.40
C SER A 240 8.61 15.34 18.03
N PHE A 241 8.60 16.38 17.21
CA PHE A 241 7.99 16.28 15.92
C PHE A 241 8.62 15.17 15.07
N LEU A 242 9.95 15.12 15.06
CA LEU A 242 10.66 14.11 14.23
C LEU A 242 10.65 12.73 14.88
N PHE A 243 10.47 12.69 16.21
CA PHE A 243 10.25 11.40 16.84
C PHE A 243 8.77 10.96 16.78
N ASP A 244 7.95 11.68 16.01
CA ASP A 244 6.70 11.12 15.53
C ASP A 244 6.90 10.43 14.17
N PRO A 245 6.77 9.08 14.13
CA PRO A 245 6.96 8.45 12.84
C PRO A 245 6.14 9.13 11.72
N ALA A 246 4.87 9.44 12.01
CA ALA A 246 3.96 10.05 11.04
C ALA A 246 4.57 11.29 10.39
N SER A 247 5.15 12.14 11.22
CA SER A 247 5.73 13.39 10.75
C SER A 247 7.14 13.26 10.15
N ASN A 248 8.02 12.44 10.75
CA ASN A 248 9.36 12.18 10.21
C ASN A 248 9.31 11.62 8.80
N ILE A 249 8.31 10.77 8.60
CA ILE A 249 8.06 10.22 7.30
C ILE A 249 7.42 11.28 6.40
N ASP A 250 6.54 12.06 6.91
CA ASP A 250 6.08 13.18 6.16
C ASP A 250 7.24 13.91 5.60
N THR A 251 8.19 14.19 6.46
CA THR A 251 9.15 15.25 6.26
C THR A 251 10.32 14.76 5.41
N GLY A 252 10.87 13.59 5.73
CA GLY A 252 11.92 13.03 4.89
C GLY A 252 11.44 12.95 3.47
N THR A 253 10.17 12.61 3.30
CA THR A 253 9.59 12.46 1.98
C THR A 253 9.50 13.84 1.32
N ALA A 254 8.97 14.79 2.07
CA ALA A 254 8.86 16.15 1.59
C ALA A 254 10.20 16.62 0.99
N TYR A 255 11.27 16.22 1.66
CA TYR A 255 12.59 16.59 1.22
C TYR A 255 12.99 15.89 -0.05
N LEU A 256 12.67 14.59 -0.13
CA LEU A 256 12.88 13.79 -1.34
C LEU A 256 12.18 14.38 -2.54
N ALA A 257 10.95 14.85 -2.33
CA ALA A 257 10.23 15.59 -3.36
C ALA A 257 11.03 16.80 -3.78
N MET A 258 11.65 17.42 -2.79
CA MET A 258 12.24 18.74 -2.98
C MET A 258 13.54 18.63 -3.70
N LEU A 259 14.30 17.59 -3.42
CA LEU A 259 15.58 17.42 -4.06
C LEU A 259 15.36 17.09 -5.50
N ASN A 260 14.15 16.70 -5.85
CA ASN A 260 13.81 16.31 -7.19
C ASN A 260 13.14 17.42 -8.02
N ASN A 261 12.20 18.19 -7.43
CA ASN A 261 11.53 19.30 -8.15
C ASN A 261 12.50 20.43 -8.41
N VAL A 262 13.04 20.97 -7.30
CA VAL A 262 13.99 22.09 -7.32
C VAL A 262 15.46 21.66 -7.46
N TYR A 263 16.08 21.26 -6.36
CA TYR A 263 17.53 21.23 -6.29
C TYR A 263 18.18 20.42 -7.40
N LEU A 264 17.69 19.22 -7.65
CA LEU A 264 18.30 18.39 -8.67
C LEU A 264 17.41 18.31 -9.93
N GLY A 265 16.50 19.26 -10.06
CA GLY A 265 15.51 19.23 -11.13
C GLY A 265 16.09 19.63 -12.46
N GLY A 266 17.26 20.24 -12.45
CA GLY A 266 18.00 20.56 -13.68
C GLY A 266 18.64 19.34 -14.33
N ILE A 267 18.62 18.22 -13.62
CA ILE A 267 19.08 16.92 -14.14
C ILE A 267 17.98 16.29 -14.98
N ASP A 268 18.23 16.19 -16.30
CA ASP A 268 17.23 15.77 -17.31
C ASP A 268 16.69 14.39 -17.02
N ASN A 269 17.59 13.42 -17.11
CA ASN A 269 17.20 12.03 -17.04
C ASN A 269 16.75 11.61 -15.66
N PRO A 270 15.57 11.01 -15.59
CA PRO A 270 14.92 10.78 -14.30
C PRO A 270 15.56 9.62 -13.50
N THR A 271 16.18 8.69 -14.21
CA THR A 271 16.89 7.63 -13.57
C THR A 271 18.18 8.22 -13.04
N SER A 272 18.81 9.12 -13.77
CA SER A 272 19.98 9.82 -13.24
C SER A 272 19.58 10.72 -12.06
N ARG A 273 18.52 11.49 -12.25
CA ARG A 273 18.09 12.37 -11.18
C ARG A 273 17.87 11.62 -9.87
N ARG A 274 17.16 10.50 -9.92
CA ARG A 274 16.97 9.72 -8.68
C ARG A 274 18.30 9.44 -7.94
N TYR A 275 19.33 9.03 -8.69
CA TYR A 275 20.63 8.73 -8.08
C TYR A 275 21.11 9.94 -7.35
N ALA A 276 21.00 11.08 -8.04
CA ALA A 276 21.41 12.33 -7.44
C ALA A 276 20.61 12.57 -6.17
N VAL A 277 19.30 12.38 -6.25
CA VAL A 277 18.41 12.57 -5.13
C VAL A 277 18.81 11.77 -3.90
N ILE A 278 19.16 10.51 -4.15
CA ILE A 278 19.43 9.54 -3.11
C ILE A 278 20.68 9.97 -2.38
N THR A 279 21.79 9.99 -3.11
CA THR A 279 23.03 10.59 -2.65
C THR A 279 22.81 11.92 -1.92
N ALA A 280 22.07 12.81 -2.55
CA ALA A 280 21.81 14.10 -2.03
C ALA A 280 21.03 14.03 -0.73
N TYR A 281 20.19 13.00 -0.61
CA TYR A 281 19.37 12.85 0.56
C TYR A 281 20.31 12.65 1.74
N ASN A 282 21.47 12.09 1.48
CA ASN A 282 22.46 11.78 2.52
C ASN A 282 23.59 12.79 2.72
N GLY A 283 24.00 13.48 1.67
CA GLY A 283 25.10 14.43 1.78
C GLY A 283 24.84 15.83 1.22
N GLY A 284 23.61 16.12 0.81
CA GLY A 284 23.27 17.41 0.21
C GLY A 284 23.39 17.53 -1.31
N ALA A 285 22.51 18.31 -1.91
CA ALA A 285 22.45 18.46 -3.35
C ALA A 285 23.64 19.22 -3.88
N GLY A 286 24.08 20.18 -3.06
CA GLY A 286 25.28 20.95 -3.35
C GLY A 286 26.48 20.04 -3.52
N SER A 287 26.58 19.01 -2.68
CA SER A 287 27.73 18.12 -2.65
C SER A 287 27.66 17.15 -3.81
N VAL A 288 26.43 16.82 -4.21
CA VAL A 288 26.20 16.03 -5.41
C VAL A 288 26.59 16.79 -6.66
N LEU A 289 25.97 17.95 -6.83
CA LEU A 289 26.26 18.74 -8.01
C LEU A 289 27.75 19.04 -8.11
N ARG A 290 28.42 19.08 -6.97
CA ARG A 290 29.83 19.55 -6.89
C ARG A 290 30.82 18.48 -7.27
N VAL A 291 30.33 17.32 -7.69
CA VAL A 291 31.17 16.23 -8.15
C VAL A 291 31.35 16.36 -9.65
N PHE A 292 30.64 17.30 -10.26
CA PHE A 292 30.72 17.53 -11.71
C PHE A 292 31.18 18.94 -12.07
N SER A 293 30.59 19.93 -11.40
CA SER A 293 31.01 21.31 -11.50
C SER A 293 30.70 22.05 -10.21
N ASN A 294 31.48 23.10 -9.94
CA ASN A 294 31.13 24.00 -8.85
C ASN A 294 30.03 24.97 -9.30
N ASP A 295 29.69 24.90 -10.57
CA ASP A 295 28.60 25.71 -11.10
C ASP A 295 27.40 24.79 -11.29
N LYS A 296 26.35 25.09 -10.53
CA LYS A 296 25.15 24.25 -10.45
C LYS A 296 24.49 24.03 -11.80
N ILE A 297 24.70 24.95 -12.74
CA ILE A 297 24.23 24.73 -14.12
C ILE A 297 25.20 23.82 -14.89
N GLN A 298 26.48 24.19 -14.91
CA GLN A 298 27.46 23.32 -15.56
C GLN A 298 27.35 21.88 -15.03
N ALA A 299 27.06 21.73 -13.74
CA ALA A 299 26.94 20.40 -13.14
C ALA A 299 25.83 19.63 -13.83
N ALA A 300 24.63 20.21 -13.81
CA ALA A 300 23.47 19.63 -14.49
C ALA A 300 23.76 19.32 -15.95
N ASN A 301 24.47 20.23 -16.64
CA ASN A 301 24.84 20.03 -18.05
C ASN A 301 25.68 18.77 -18.24
N ILE A 302 26.54 18.49 -17.28
CA ILE A 302 27.47 17.35 -17.36
C ILE A 302 26.77 16.00 -17.11
N ILE A 303 25.81 16.00 -16.20
CA ILE A 303 25.02 14.79 -15.92
C ILE A 303 24.10 14.46 -17.10
N ASN A 304 23.63 15.51 -17.77
CA ASN A 304 22.85 15.33 -18.98
C ASN A 304 23.74 14.84 -20.15
N THR A 305 25.06 14.98 -20.01
CA THR A 305 26.04 14.40 -20.94
C THR A 305 26.13 12.89 -20.78
N MET A 306 25.62 12.38 -19.65
CA MET A 306 25.88 10.99 -19.20
C MET A 306 24.70 10.02 -19.25
N THR A 307 25.00 8.73 -19.11
CA THR A 307 23.99 7.69 -19.03
C THR A 307 23.80 7.41 -17.56
N PRO A 308 22.56 7.21 -17.11
CA PRO A 308 22.27 7.06 -15.68
C PRO A 308 23.23 6.12 -14.94
N GLY A 309 23.72 5.11 -15.64
CA GLY A 309 24.74 4.24 -15.11
C GLY A 309 26.11 4.87 -14.90
N ASP A 310 26.47 5.88 -15.70
CA ASP A 310 27.75 6.53 -15.49
C ASP A 310 27.60 7.61 -14.44
N VAL A 311 26.40 8.10 -14.29
CA VAL A 311 26.10 9.00 -13.19
C VAL A 311 26.11 8.22 -11.89
N TYR A 312 25.60 7.01 -11.95
CA TYR A 312 25.66 6.14 -10.81
C TYR A 312 27.13 5.87 -10.50
N GLN A 313 27.88 5.48 -11.52
CA GLN A 313 29.26 5.06 -11.34
C GLN A 313 30.16 6.21 -10.93
N THR A 314 29.76 7.43 -11.26
CA THR A 314 30.43 8.61 -10.76
C THR A 314 30.07 8.83 -9.30
N LEU A 315 28.78 8.99 -9.02
CA LEU A 315 28.37 9.28 -7.65
C LEU A 315 28.91 8.19 -6.73
N THR A 316 29.08 6.97 -7.27
CA THR A 316 29.52 5.84 -6.45
C THR A 316 31.04 5.77 -6.27
N THR A 317 31.78 6.42 -7.17
CA THR A 317 33.24 6.33 -7.22
C THR A 317 33.91 7.63 -6.75
N ARG A 318 33.33 8.78 -7.13
CA ARG A 318 33.96 10.10 -6.95
C ARG A 318 33.24 11.03 -5.95
N HIS A 319 32.19 10.57 -5.25
CA HIS A 319 31.50 11.45 -4.30
C HIS A 319 32.35 11.50 -3.06
N PRO A 320 32.68 12.71 -2.60
CA PRO A 320 33.66 12.96 -1.53
C PRO A 320 33.47 12.14 -0.25
N SER A 321 32.21 11.88 0.11
CA SER A 321 31.90 11.17 1.34
C SER A 321 31.94 9.66 1.12
N ALA A 322 32.66 8.95 1.99
CA ALA A 322 32.69 7.45 2.00
C ALA A 322 31.31 6.89 2.31
N GLU A 323 30.75 7.41 3.40
CA GLU A 323 29.36 7.18 3.79
C GLU A 323 28.41 7.29 2.56
N SER A 324 28.52 8.36 1.76
CA SER A 324 27.60 8.60 0.63
C SER A 324 27.81 7.70 -0.59
N ARG A 325 29.01 7.16 -0.76
CA ARG A 325 29.28 6.26 -1.87
C ARG A 325 28.73 4.87 -1.54
N ARG A 326 28.86 4.49 -0.28
CA ARG A 326 28.48 3.15 0.17
C ARG A 326 26.97 3.08 0.35
N TYR A 327 26.33 4.23 0.21
CA TYR A 327 24.93 4.38 0.52
C TYR A 327 24.09 4.35 -0.74
N LEU A 328 24.65 4.77 -1.86
CA LEU A 328 23.88 4.70 -3.08
C LEU A 328 23.51 3.25 -3.37
N TYR A 329 24.49 2.36 -3.25
CA TYR A 329 24.30 0.94 -3.56
C TYR A 329 23.34 0.34 -2.56
N LYS A 330 23.36 0.90 -1.35
CA LYS A 330 22.45 0.50 -0.26
C LYS A 330 20.99 0.87 -0.54
N VAL A 331 20.76 2.11 -0.94
CA VAL A 331 19.40 2.57 -1.25
C VAL A 331 18.93 2.10 -2.63
N ASN A 332 19.84 2.08 -3.59
CA ASN A 332 19.48 1.63 -4.90
C ASN A 332 19.08 0.16 -4.85
N THR A 333 19.79 -0.60 -4.01
CA THR A 333 19.59 -2.04 -3.88
C THR A 333 18.31 -2.30 -3.11
N ALA A 334 18.11 -1.61 -1.99
CA ALA A 334 16.92 -1.82 -1.19
C ALA A 334 15.68 -1.52 -2.01
N GLN A 335 15.75 -0.50 -2.87
CA GLN A 335 14.59 -0.08 -3.69
C GLN A 335 14.10 -1.20 -4.63
N LYS A 336 15.02 -1.84 -5.34
CA LYS A 336 14.74 -3.00 -6.23
C LYS A 336 13.83 -4.02 -5.58
N SER A 337 14.09 -4.29 -4.31
CA SER A 337 13.26 -5.15 -3.51
C SER A 337 11.88 -4.56 -3.36
N TYR A 338 11.79 -3.30 -2.92
CA TYR A 338 10.51 -2.64 -2.63
C TYR A 338 9.65 -2.24 -3.86
N ARG A 339 10.29 -2.11 -5.02
CA ARG A 339 9.62 -1.70 -6.28
C ARG A 339 8.34 -2.42 -6.69
N ARG A 340 8.22 -3.70 -6.38
CA ARG A 340 7.12 -4.52 -6.89
C ARG A 340 6.00 -4.67 -5.87
N ARG A 341 4.76 -4.79 -6.35
CA ARG A 341 3.62 -5.16 -5.49
C ARG A 341 2.60 -5.99 -6.31
N ASP B 15 -31.28 -19.97 -6.93
CA ASP B 15 -30.49 -18.76 -7.30
C ASP B 15 -30.39 -18.65 -8.82
N THR B 16 -29.56 -19.53 -9.40
CA THR B 16 -29.31 -19.53 -10.84
C THR B 16 -30.55 -20.03 -11.62
N ASN B 17 -31.35 -20.87 -10.97
CA ASN B 17 -32.64 -21.36 -11.53
C ASN B 17 -33.65 -20.22 -11.80
N GLY B 18 -33.36 -19.03 -11.26
CA GLY B 18 -34.27 -17.88 -11.34
C GLY B 18 -33.62 -16.55 -11.74
N PHE B 19 -32.30 -16.45 -11.65
CA PHE B 19 -31.62 -15.26 -12.17
C PHE B 19 -31.84 -15.13 -13.66
N ASP B 20 -31.60 -16.21 -14.41
CA ASP B 20 -31.89 -16.26 -15.87
C ASP B 20 -33.29 -15.78 -16.21
N ILE B 21 -34.29 -16.34 -15.52
CA ILE B 21 -35.68 -15.98 -15.76
C ILE B 21 -35.89 -14.49 -15.54
N LEU B 22 -35.29 -13.97 -14.46
CA LEU B 22 -35.47 -12.58 -14.12
C LEU B 22 -34.83 -11.68 -15.15
N MET B 23 -33.63 -12.03 -15.59
CA MET B 23 -32.96 -11.29 -16.65
C MET B 23 -33.85 -11.09 -17.85
N GLY B 24 -34.29 -12.22 -18.43
CA GLY B 24 -35.02 -12.22 -19.67
C GLY B 24 -36.27 -11.38 -19.64
N GLN B 25 -37.04 -11.47 -18.55
CA GLN B 25 -38.22 -10.61 -18.41
C GLN B 25 -37.83 -9.14 -18.29
N PHE B 26 -36.92 -8.85 -17.38
CA PHE B 26 -36.44 -7.47 -17.19
C PHE B 26 -36.00 -6.86 -18.50
N ALA B 27 -35.13 -7.59 -19.18
CA ALA B 27 -34.69 -7.20 -20.49
C ALA B 27 -35.89 -7.05 -21.41
N HIS B 28 -36.79 -8.02 -21.37
CA HIS B 28 -37.93 -7.98 -22.29
C HIS B 28 -38.79 -6.77 -21.99
N ASN B 29 -38.93 -6.40 -20.72
CA ASN B 29 -39.65 -5.16 -20.35
C ASN B 29 -39.05 -3.94 -20.98
N ILE B 30 -37.74 -3.90 -21.02
CA ILE B 30 -37.03 -2.76 -21.59
C ILE B 30 -37.11 -2.80 -23.09
N GLU B 31 -37.35 -3.98 -23.63
CA GLU B 31 -37.64 -4.09 -25.07
C GLU B 31 -38.96 -3.41 -25.35
N ASN B 32 -39.94 -3.65 -24.49
CA ASN B 32 -41.33 -3.18 -24.66
C ASN B 32 -41.59 -1.70 -24.37
N ILE B 33 -40.55 -0.96 -23.98
CA ILE B 33 -40.69 0.48 -23.86
C ILE B 33 -39.74 1.19 -24.82
N TRP B 34 -38.49 0.78 -24.80
CA TRP B 34 -37.43 1.48 -25.51
C TRP B 34 -37.28 0.93 -26.94
N GLY B 35 -37.70 -0.31 -27.16
CA GLY B 35 -37.54 -0.93 -28.46
C GLY B 35 -36.21 -1.63 -28.50
N PHE B 36 -36.12 -2.68 -29.31
CA PHE B 36 -34.94 -3.53 -29.37
C PHE B 36 -33.68 -2.70 -29.55
N LYS B 37 -33.82 -1.55 -30.18
CA LYS B 37 -32.69 -0.67 -30.48
C LYS B 37 -31.99 -0.16 -29.22
N GLU B 38 -32.76 0.29 -28.25
CA GLU B 38 -32.21 0.88 -27.03
C GLU B 38 -32.56 0.01 -25.85
N VAL B 39 -31.92 -1.14 -25.78
CA VAL B 39 -32.13 -2.10 -24.70
C VAL B 39 -30.80 -2.33 -24.02
N VAL B 40 -30.66 -1.73 -22.85
CA VAL B 40 -29.40 -1.69 -22.16
C VAL B 40 -29.67 -1.84 -20.68
N ILE B 41 -28.99 -2.82 -20.11
CA ILE B 41 -29.20 -3.21 -18.72
C ILE B 41 -27.83 -3.36 -17.99
N ALA B 42 -27.84 -3.35 -16.66
CA ALA B 42 -26.59 -3.41 -15.91
C ALA B 42 -25.61 -4.50 -16.39
N GLY B 43 -24.33 -4.27 -16.16
CA GLY B 43 -23.29 -5.22 -16.59
C GLY B 43 -22.11 -5.26 -15.63
N PRO B 44 -21.07 -6.02 -16.00
CA PRO B 44 -19.88 -6.07 -15.17
C PRO B 44 -19.30 -4.70 -14.94
N LYS B 45 -19.21 -3.93 -16.02
CA LYS B 45 -18.57 -2.63 -16.00
C LYS B 45 -19.55 -1.45 -16.03
N ASP B 46 -20.85 -1.72 -16.14
CA ASP B 46 -21.81 -0.65 -16.38
C ASP B 46 -23.01 -0.71 -15.47
N TYR B 47 -23.27 0.36 -14.75
CA TYR B 47 -24.45 0.43 -13.89
C TYR B 47 -25.57 0.97 -14.72
N VAL B 48 -26.75 0.38 -14.58
CA VAL B 48 -27.95 0.91 -15.20
C VAL B 48 -29.13 0.61 -14.28
N LYS B 49 -29.79 1.68 -13.86
CA LYS B 49 -30.97 1.61 -13.01
C LYS B 49 -32.16 2.14 -13.76
N TYR B 50 -33.25 1.36 -13.81
CA TYR B 50 -34.53 1.84 -14.36
C TYR B 50 -35.44 2.28 -13.24
N THR B 51 -36.19 3.36 -13.44
CA THR B 51 -37.24 3.74 -12.49
C THR B 51 -38.39 4.41 -13.19
N ASP B 52 -39.32 4.95 -12.41
CA ASP B 52 -40.48 5.63 -12.95
C ASP B 52 -41.11 4.67 -13.96
N GLN B 53 -41.20 3.41 -13.55
CA GLN B 53 -41.75 2.34 -14.38
C GLN B 53 -41.03 2.25 -15.73
N TYR B 54 -39.72 2.03 -15.67
CA TYR B 54 -38.85 1.72 -16.82
C TYR B 54 -38.67 2.85 -17.84
N GLN B 55 -38.96 4.07 -17.41
CA GLN B 55 -38.91 5.25 -18.27
C GLN B 55 -37.62 6.06 -18.06
N THR B 56 -37.32 6.33 -16.79
CA THR B 56 -36.12 7.08 -16.42
C THR B 56 -35.05 6.09 -15.98
N ARG B 57 -33.91 6.15 -16.66
CA ARG B 57 -32.85 5.21 -16.39
C ARG B 57 -31.50 5.90 -16.29
N SER B 58 -30.81 5.69 -15.18
CA SER B 58 -29.48 6.22 -15.00
C SER B 58 -28.40 5.18 -15.29
N HIS B 59 -27.63 5.41 -16.35
CA HIS B 59 -26.56 4.53 -16.80
C HIS B 59 -25.18 5.12 -16.58
N ILE B 60 -24.41 4.48 -15.71
CA ILE B 60 -23.03 4.86 -15.42
C ILE B 60 -22.08 3.91 -16.10
N ASN B 61 -21.29 4.41 -17.05
CA ASN B 61 -20.34 3.56 -17.74
C ASN B 61 -18.99 3.76 -17.05
N PHE B 62 -18.62 2.76 -16.25
CA PHE B 62 -17.46 2.88 -15.34
C PHE B 62 -16.16 2.68 -16.08
N ASP B 63 -16.29 2.23 -17.31
CA ASP B 63 -15.15 2.09 -18.15
C ASP B 63 -14.75 3.45 -18.73
N ASP B 64 -15.75 4.18 -19.23
CA ASP B 64 -15.56 5.50 -19.87
C ASP B 64 -15.85 6.71 -18.97
N GLY B 65 -16.35 6.44 -17.78
CA GLY B 65 -16.64 7.50 -16.86
C GLY B 65 -17.54 8.50 -17.54
N THR B 66 -18.65 8.02 -18.06
CA THR B 66 -19.72 8.85 -18.61
C THR B 66 -20.91 8.47 -17.78
N ILE B 67 -21.81 9.39 -17.51
CA ILE B 67 -23.02 9.08 -16.74
C ILE B 67 -24.19 9.52 -17.55
N THR B 68 -24.58 8.72 -18.52
CA THR B 68 -25.65 9.13 -19.40
C THR B 68 -26.96 8.86 -18.69
N ILE B 69 -27.83 9.86 -18.65
CA ILE B 69 -29.10 9.71 -17.97
C ILE B 69 -30.21 10.06 -18.94
N GLU B 70 -31.19 9.15 -19.09
CA GLU B 70 -32.25 9.30 -20.07
C GLU B 70 -33.62 8.86 -19.58
N THR B 71 -34.61 9.71 -19.85
CA THR B 71 -36.00 9.44 -19.56
C THR B 71 -36.75 9.41 -20.88
N ILE B 72 -37.82 8.63 -20.87
CA ILE B 72 -38.64 8.41 -22.05
C ILE B 72 -40.06 8.97 -21.85
N ALA B 73 -40.39 9.31 -20.59
CA ALA B 73 -41.68 9.87 -20.22
C ALA B 73 -41.98 11.16 -20.97
N GLY B 74 -43.25 11.31 -21.35
CA GLY B 74 -43.77 12.54 -21.95
C GLY B 74 -44.17 13.46 -20.81
N THR B 75 -44.73 12.88 -19.76
CA THR B 75 -45.11 13.61 -18.56
C THR B 75 -43.92 14.32 -17.91
N GLU B 76 -43.71 15.55 -18.32
CA GLU B 76 -42.63 16.42 -17.79
C GLU B 76 -41.35 15.65 -17.40
N PRO B 77 -40.53 15.30 -18.40
CA PRO B 77 -39.30 14.47 -18.32
C PRO B 77 -38.21 15.01 -17.39
N ALA B 78 -37.67 16.18 -17.70
CA ALA B 78 -37.01 16.95 -16.69
C ALA B 78 -37.92 16.86 -15.46
N ALA B 79 -37.31 16.99 -14.29
CA ALA B 79 -38.00 16.70 -13.05
C ALA B 79 -38.12 15.21 -12.93
N HIS B 80 -37.95 14.49 -14.04
CA HIS B 80 -37.64 13.10 -14.05
C HIS B 80 -36.18 12.94 -14.10
N LEU B 81 -35.60 13.43 -15.17
CA LEU B 81 -34.16 13.48 -15.27
C LEU B 81 -33.60 14.08 -13.98
N ARG B 82 -34.22 15.17 -13.53
CA ARG B 82 -33.80 15.82 -12.28
C ARG B 82 -33.69 14.87 -11.10
N ARG B 83 -34.78 14.23 -10.71
CA ARG B 83 -34.74 13.29 -9.59
C ARG B 83 -33.69 12.24 -9.89
N ALA B 84 -33.65 11.80 -11.15
CA ALA B 84 -32.74 10.74 -11.56
C ALA B 84 -31.31 11.14 -11.28
N ILE B 85 -30.93 12.29 -11.83
CA ILE B 85 -29.57 12.78 -11.74
C ILE B 85 -29.15 12.94 -10.28
N ILE B 86 -29.92 13.72 -9.53
CA ILE B 86 -29.60 13.97 -8.12
C ILE B 86 -29.34 12.64 -7.46
N LYS B 87 -30.36 11.79 -7.48
CA LYS B 87 -30.24 10.50 -6.84
C LYS B 87 -29.04 9.70 -7.35
N THR B 88 -28.79 9.71 -8.66
CA THR B 88 -27.62 9.02 -9.20
C THR B 88 -26.30 9.54 -8.62
N LEU B 89 -26.17 10.86 -8.48
CA LEU B 89 -24.94 11.48 -7.97
C LEU B 89 -24.87 11.50 -6.46
N LEU B 90 -26.03 11.47 -5.83
CA LEU B 90 -26.16 11.28 -4.38
C LEU B 90 -26.63 9.86 -4.11
N MET B 91 -25.71 8.90 -4.15
CA MET B 91 -26.11 7.52 -4.23
C MET B 91 -25.38 6.64 -3.24
N GLY B 92 -25.80 6.72 -1.98
CA GLY B 92 -25.21 5.92 -0.93
C GLY B 92 -24.64 4.59 -1.40
N ASP B 93 -23.37 4.37 -1.09
CA ASP B 93 -22.68 3.14 -1.43
C ASP B 93 -23.30 2.03 -0.60
N ASP B 94 -24.35 1.40 -1.13
CA ASP B 94 -24.76 0.12 -0.59
C ASP B 94 -25.29 -0.80 -1.69
N PRO B 95 -24.37 -1.42 -2.46
CA PRO B 95 -24.67 -2.16 -3.70
C PRO B 95 -25.56 -3.39 -3.52
N SER B 96 -25.41 -4.09 -2.41
CA SER B 96 -26.15 -5.31 -2.18
C SER B 96 -27.61 -5.02 -1.91
N SER B 97 -27.95 -3.73 -1.74
CA SER B 97 -29.36 -3.23 -1.59
C SER B 97 -29.98 -2.77 -2.90
N VAL B 98 -29.29 -2.98 -4.01
CA VAL B 98 -29.65 -2.32 -5.25
C VAL B 98 -29.92 -3.39 -6.28
N ASP B 99 -31.17 -3.44 -6.74
CA ASP B 99 -31.64 -4.39 -7.75
C ASP B 99 -31.59 -3.69 -9.09
N LEU B 100 -30.53 -3.94 -9.86
CA LEU B 100 -30.37 -3.33 -11.16
C LEU B 100 -31.17 -4.03 -12.26
N TYR B 101 -31.85 -5.09 -11.84
CA TYR B 101 -32.80 -5.80 -12.66
C TYR B 101 -34.23 -5.63 -12.11
N SER B 102 -34.52 -4.49 -11.49
CA SER B 102 -35.88 -4.16 -11.04
C SER B 102 -36.18 -2.67 -11.21
N ASP B 103 -37.46 -2.34 -11.40
CA ASP B 103 -37.88 -0.94 -11.60
C ASP B 103 -37.97 -0.09 -10.34
N VAL B 104 -37.80 -0.69 -9.16
CA VAL B 104 -38.11 -0.01 -7.90
C VAL B 104 -37.01 0.96 -7.58
N ASP B 105 -37.34 1.98 -6.80
CA ASP B 105 -36.36 2.94 -6.30
C ASP B 105 -35.80 2.43 -4.96
N ASP B 106 -34.89 1.45 -5.05
CA ASP B 106 -34.18 0.92 -3.88
C ASP B 106 -32.83 1.63 -3.77
N ILE B 107 -32.94 2.95 -3.58
CA ILE B 107 -31.83 3.87 -3.72
C ILE B 107 -31.59 4.66 -2.42
N THR B 108 -30.34 5.00 -2.17
CA THR B 108 -29.91 5.52 -0.89
C THR B 108 -29.25 6.90 -1.11
N ILE B 109 -29.75 7.94 -0.43
CA ILE B 109 -29.00 9.21 -0.34
C ILE B 109 -28.22 9.23 0.98
N SER B 110 -26.88 9.15 0.87
CA SER B 110 -26.00 9.05 2.03
C SER B 110 -25.18 10.31 2.27
N LYS B 111 -24.63 10.42 3.47
CA LYS B 111 -23.68 11.49 3.84
C LYS B 111 -22.53 11.53 2.85
N GLU B 112 -21.92 10.36 2.58
CA GLU B 112 -20.91 10.22 1.53
C GLU B 112 -21.45 9.37 0.38
N PRO B 113 -21.80 10.01 -0.73
CA PRO B 113 -22.17 9.31 -1.96
C PRO B 113 -21.09 8.38 -2.46
N PHE B 114 -21.48 7.33 -3.18
CA PHE B 114 -20.50 6.47 -3.85
C PHE B 114 -19.73 7.25 -4.91
N LEU B 115 -20.41 8.23 -5.55
CA LEU B 115 -19.77 8.98 -6.66
C LEU B 115 -18.94 10.19 -6.22
N TYR B 116 -18.86 10.44 -4.91
CA TYR B 116 -18.11 11.56 -4.39
C TYR B 116 -16.68 11.48 -4.89
N GLY B 117 -16.25 12.52 -5.62
CA GLY B 117 -14.90 12.61 -6.11
C GLY B 117 -14.74 12.19 -7.55
N GLN B 118 -15.71 11.47 -8.10
CA GLN B 118 -15.56 10.94 -9.44
C GLN B 118 -16.20 11.86 -10.45
N VAL B 119 -17.15 12.65 -9.99
CA VAL B 119 -17.80 13.59 -10.84
C VAL B 119 -17.82 14.92 -10.09
N VAL B 120 -17.61 16.01 -10.83
CA VAL B 120 -17.72 17.37 -10.31
C VAL B 120 -18.73 18.13 -11.11
N ASP B 121 -19.31 19.14 -10.49
CA ASP B 121 -20.31 19.97 -11.14
C ASP B 121 -19.67 20.94 -12.15
N ASN B 122 -20.53 21.82 -12.65
CA ASN B 122 -20.19 23.01 -13.41
C ASN B 122 -19.05 23.84 -12.78
N THR B 123 -19.17 24.07 -11.48
CA THR B 123 -18.18 24.75 -10.66
C THR B 123 -16.83 24.02 -10.58
N GLY B 124 -16.76 22.78 -11.06
CA GLY B 124 -15.56 21.94 -10.93
C GLY B 124 -15.44 21.38 -9.51
N GLN B 125 -16.57 21.32 -8.83
CA GLN B 125 -16.60 21.03 -7.41
C GLN B 125 -17.30 19.70 -7.12
N PRO B 126 -16.80 18.93 -6.12
CA PRO B 126 -17.42 17.66 -5.84
C PRO B 126 -18.81 17.83 -5.30
N ILE B 127 -19.58 16.75 -5.35
CA ILE B 127 -21.01 16.77 -5.08
C ILE B 127 -21.36 15.74 -4.02
N ARG B 128 -21.47 16.20 -2.77
CA ARG B 128 -22.01 15.39 -1.67
C ARG B 128 -23.14 16.14 -0.98
N TRP B 129 -23.86 16.99 -1.71
CA TRP B 129 -24.99 17.69 -1.11
C TRP B 129 -26.16 17.76 -2.05
N GLU B 130 -27.38 17.64 -1.51
CA GLU B 130 -28.59 17.69 -2.33
C GLU B 130 -28.82 19.10 -2.91
N GLY B 131 -28.40 20.13 -2.19
CA GLY B 131 -28.36 21.47 -2.76
C GLY B 131 -27.45 21.45 -3.99
N ARG B 132 -26.15 21.25 -3.75
CA ARG B 132 -25.17 21.33 -4.83
C ARG B 132 -25.53 20.48 -6.02
N ALA B 133 -26.20 19.38 -5.76
CA ALA B 133 -26.61 18.46 -6.80
C ALA B 133 -27.76 19.03 -7.60
N SER B 134 -28.80 19.46 -6.90
CA SER B 134 -29.95 20.09 -7.53
C SER B 134 -29.48 21.16 -8.47
N ASN B 135 -28.63 22.05 -7.95
CA ASN B 135 -27.85 22.96 -8.77
C ASN B 135 -27.37 22.31 -10.05
N PHE B 136 -26.58 21.25 -9.90
CA PHE B 136 -25.91 20.68 -11.03
C PHE B 136 -26.90 20.12 -12.02
N ALA B 137 -28.02 19.68 -11.49
CA ALA B 137 -29.06 19.08 -12.29
C ALA B 137 -29.73 20.17 -13.07
N ASP B 138 -30.17 21.20 -12.35
CA ASP B 138 -30.80 22.36 -12.96
C ASP B 138 -29.95 22.86 -14.12
N TYR B 139 -28.64 22.95 -13.89
CA TYR B 139 -27.67 23.39 -14.91
C TYR B 139 -27.72 22.48 -16.14
N LEU B 140 -27.40 21.21 -15.94
CA LEU B 140 -27.37 20.25 -17.05
C LEU B 140 -28.69 20.25 -17.81
N LEU B 141 -29.76 20.12 -17.04
CA LEU B 141 -31.10 20.10 -17.56
C LEU B 141 -31.35 21.18 -18.58
N LYS B 142 -30.76 22.35 -18.38
CA LYS B 142 -31.01 23.51 -19.23
C LYS B 142 -29.90 23.73 -20.23
N ASN B 143 -28.69 23.34 -19.88
CA ASN B 143 -27.56 23.57 -20.75
C ASN B 143 -27.11 22.35 -21.55
N ARG B 144 -27.27 21.17 -20.97
CA ARG B 144 -26.78 19.97 -21.60
C ARG B 144 -27.93 18.98 -21.82
N LEU B 145 -29.11 19.52 -22.15
CA LEU B 145 -30.22 18.66 -22.59
C LEU B 145 -29.89 18.10 -23.98
N LYS B 146 -30.47 16.93 -24.27
CA LYS B 146 -30.17 16.20 -25.48
C LYS B 146 -31.40 15.38 -25.90
N SER B 147 -31.79 15.49 -27.16
CA SER B 147 -32.91 14.73 -27.68
C SER B 147 -32.42 13.71 -28.68
N ARG B 148 -33.09 12.57 -28.67
CA ARG B 148 -32.93 11.49 -29.67
C ARG B 148 -34.25 10.71 -29.79
N SER B 149 -34.43 10.00 -30.91
CA SER B 149 -35.58 9.10 -31.04
C SER B 149 -35.19 7.68 -31.50
N ASN B 150 -35.58 6.70 -30.69
CA ASN B 150 -35.44 5.28 -31.02
C ASN B 150 -36.17 4.95 -32.30
N GLY B 151 -37.31 5.62 -32.49
CA GLY B 151 -38.20 5.43 -33.65
C GLY B 151 -39.66 5.71 -33.36
N LEU B 152 -39.98 6.01 -32.10
CA LEU B 152 -41.36 6.24 -31.70
C LEU B 152 -41.49 7.46 -30.79
N ARG B 153 -40.75 7.47 -29.69
CA ARG B 153 -40.84 8.57 -28.74
C ARG B 153 -39.47 9.23 -28.53
N ILE B 154 -39.49 10.35 -27.81
CA ILE B 154 -38.28 11.11 -27.56
C ILE B 154 -37.58 10.49 -26.35
N ILE B 155 -36.24 10.46 -26.41
CA ILE B 155 -35.47 10.24 -25.22
C ILE B 155 -34.69 11.51 -24.87
N TYR B 156 -35.00 12.02 -23.69
CA TYR B 156 -34.29 13.14 -23.13
C TYR B 156 -33.13 12.65 -22.26
N SER B 157 -31.91 13.03 -22.61
CA SER B 157 -30.74 12.54 -21.90
C SER B 157 -29.85 13.68 -21.43
N VAL B 158 -29.11 13.46 -20.34
CA VAL B 158 -27.94 14.30 -20.02
C VAL B 158 -26.68 13.45 -19.83
N THR B 159 -25.59 13.81 -20.50
CA THR B 159 -24.30 13.10 -20.36
C THR B 159 -23.40 13.94 -19.45
N ILE B 160 -23.01 13.34 -18.32
CA ILE B 160 -22.13 13.94 -17.34
C ILE B 160 -20.80 13.20 -17.32
N ASN B 161 -19.72 13.83 -17.81
CA ASN B 161 -18.43 13.16 -17.70
C ASN B 161 -17.87 13.18 -16.28
N MET B 162 -17.26 12.09 -15.91
CA MET B 162 -16.69 11.93 -14.61
C MET B 162 -15.28 12.45 -14.76
N VAL B 163 -14.64 12.78 -13.63
CA VAL B 163 -13.28 13.30 -13.63
C VAL B 163 -12.39 12.35 -14.41
N PRO B 164 -11.35 12.90 -15.05
CA PRO B 164 -10.57 12.02 -15.91
C PRO B 164 -9.91 10.86 -15.13
N ASN B 165 -9.55 11.14 -13.90
CA ASN B 165 -8.94 10.13 -13.05
C ASN B 165 -10.04 9.41 -12.23
N HIS B 166 -11.22 9.20 -12.83
CA HIS B 166 -12.35 8.55 -12.14
C HIS B 166 -11.92 7.20 -11.63
N LEU B 167 -11.24 6.43 -12.48
CA LEU B 167 -10.87 5.06 -12.17
C LEU B 167 -10.05 4.98 -10.90
N ASP B 168 -9.01 5.79 -10.82
CA ASP B 168 -8.07 5.75 -9.71
C ASP B 168 -8.81 6.13 -8.45
N LYS B 169 -9.68 7.14 -8.50
CA LYS B 169 -10.40 7.64 -7.29
C LYS B 169 -11.31 6.57 -6.69
N ARG B 170 -11.77 5.70 -7.56
CA ARG B 170 -12.67 4.62 -7.21
C ARG B 170 -11.83 3.47 -6.68
N ALA B 171 -10.85 3.00 -7.45
CA ALA B 171 -9.93 1.94 -6.95
C ALA B 171 -9.47 2.19 -5.51
N HIS B 172 -9.44 3.46 -5.14
CA HIS B 172 -8.97 3.91 -3.87
C HIS B 172 -9.78 3.35 -2.70
N LYS B 173 -11.10 3.29 -2.85
CA LYS B 173 -11.93 2.76 -1.74
C LYS B 173 -11.79 1.26 -1.46
N TYR B 174 -11.07 0.56 -2.34
CA TYR B 174 -10.83 -0.90 -2.24
C TYR B 174 -9.37 -1.30 -1.97
N LEU B 175 -8.45 -0.38 -2.22
CA LEU B 175 -7.04 -0.63 -1.90
C LEU B 175 -6.85 -1.30 -0.54
N GLY B 176 -7.44 -0.75 0.53
CA GLY B 176 -7.26 -1.32 1.87
C GLY B 176 -7.79 -2.75 2.02
N MET B 177 -8.92 -3.01 1.40
CA MET B 177 -9.47 -4.34 1.37
C MET B 177 -8.46 -5.19 0.67
N VAL B 178 -7.85 -4.66 -0.40
CA VAL B 178 -6.90 -5.40 -1.23
C VAL B 178 -5.58 -5.64 -0.53
N ARG B 179 -5.14 -4.74 0.34
CA ARG B 179 -3.89 -4.99 1.07
C ARG B 179 -4.13 -6.12 2.03
N GLN B 180 -5.28 -6.04 2.71
CA GLN B 180 -5.66 -7.11 3.61
C GLN B 180 -5.60 -8.45 2.86
N ALA B 181 -6.46 -8.55 1.84
CA ALA B 181 -6.61 -9.78 1.08
C ALA B 181 -5.27 -10.28 0.53
N SER B 182 -4.47 -9.38 -0.01
CA SER B 182 -3.20 -9.79 -0.58
C SER B 182 -2.29 -10.32 0.49
N ARG B 183 -2.36 -9.73 1.66
CA ARG B 183 -1.54 -10.12 2.82
C ARG B 183 -1.95 -11.53 3.20
N LYS B 184 -3.24 -11.69 3.48
CA LYS B 184 -3.83 -12.94 3.90
C LYS B 184 -3.58 -14.09 2.97
N TYR B 185 -3.84 -13.91 1.68
CA TYR B 185 -3.76 -15.02 0.75
C TYR B 185 -2.47 -15.11 -0.04
N GLY B 186 -1.54 -14.19 0.15
CA GLY B 186 -0.24 -14.28 -0.51
C GLY B 186 -0.35 -14.21 -2.02
N VAL B 187 -1.15 -13.24 -2.46
CA VAL B 187 -1.37 -12.94 -3.88
C VAL B 187 -0.96 -11.48 -4.13
N ASP B 188 -0.22 -11.20 -5.22
CA ASP B 188 0.27 -9.87 -5.51
C ASP B 188 -0.86 -8.84 -5.63
N GLU B 189 -0.74 -7.76 -4.87
CA GLU B 189 -1.70 -6.69 -4.94
C GLU B 189 -2.00 -6.21 -6.33
N SER B 190 -0.98 -6.26 -7.20
CA SER B 190 -1.15 -5.69 -8.52
C SER B 190 -2.06 -6.56 -9.29
N LEU B 191 -1.85 -7.88 -9.12
CA LEU B 191 -2.65 -8.89 -9.83
C LEU B 191 -4.09 -8.80 -9.45
N ILE B 192 -4.35 -8.68 -8.15
CA ILE B 192 -5.70 -8.54 -7.63
C ILE B 192 -6.39 -7.31 -8.23
N LEU B 193 -5.65 -6.23 -8.43
CA LEU B 193 -6.23 -4.95 -8.90
C LEU B 193 -6.33 -4.98 -10.41
N ALA B 194 -5.32 -5.58 -11.03
CA ALA B 194 -5.35 -5.76 -12.47
C ALA B 194 -6.62 -6.52 -12.83
N ILE B 195 -6.89 -7.58 -12.08
CA ILE B 195 -8.06 -8.38 -12.29
C ILE B 195 -9.31 -7.60 -11.99
N MET B 196 -9.27 -6.89 -10.87
CA MET B 196 -10.40 -6.14 -10.40
C MET B 196 -10.73 -5.00 -11.36
N GLN B 197 -9.75 -4.46 -12.05
CA GLN B 197 -10.03 -3.39 -12.97
C GLN B 197 -10.59 -3.95 -14.25
N THR B 198 -10.13 -5.13 -14.62
CA THR B 198 -10.46 -5.68 -15.92
C THR B 198 -11.89 -6.20 -15.86
N GLN B 199 -12.14 -7.02 -14.85
CA GLN B 199 -13.45 -7.60 -14.58
C GLN B 199 -14.51 -6.57 -14.30
N SER B 200 -14.14 -5.51 -13.58
CA SER B 200 -15.14 -4.63 -13.02
C SER B 200 -14.95 -3.19 -13.33
N SER B 201 -13.71 -2.74 -13.40
CA SER B 201 -13.35 -1.33 -13.22
C SER B 201 -13.86 -0.83 -11.87
N PHE B 202 -13.74 -1.65 -10.84
CA PHE B 202 -14.11 -1.23 -9.48
C PHE B 202 -15.52 -0.69 -9.44
N ASN B 203 -16.40 -1.34 -10.20
CA ASN B 203 -17.85 -1.18 -10.09
C ASN B 203 -18.36 -2.13 -9.01
N PRO B 204 -18.82 -1.58 -7.88
CA PRO B 204 -19.31 -2.44 -6.84
C PRO B 204 -20.71 -3.01 -7.14
N TYR B 205 -21.42 -2.43 -8.11
CA TYR B 205 -22.72 -2.91 -8.57
C TYR B 205 -22.62 -3.77 -9.84
N ALA B 206 -21.50 -4.47 -9.97
CA ALA B 206 -21.15 -5.21 -11.18
C ALA B 206 -21.84 -6.57 -11.17
N VAL B 207 -22.48 -6.89 -12.29
CA VAL B 207 -23.28 -8.09 -12.43
C VAL B 207 -23.23 -8.52 -13.88
N SER B 208 -22.99 -9.80 -14.12
CA SER B 208 -22.81 -10.30 -15.49
C SER B 208 -23.99 -11.14 -15.95
N ARG B 209 -24.13 -11.30 -17.26
CA ARG B 209 -25.21 -12.11 -17.82
C ARG B 209 -25.10 -13.57 -17.37
N SER B 210 -23.87 -14.10 -17.27
CA SER B 210 -23.62 -15.38 -16.58
C SER B 210 -23.73 -15.26 -15.05
N ASP B 211 -24.07 -14.04 -14.61
CA ASP B 211 -24.18 -13.57 -13.19
C ASP B 211 -22.99 -13.85 -12.29
N ALA B 212 -21.84 -13.42 -12.78
CA ALA B 212 -20.68 -13.14 -11.96
C ALA B 212 -21.04 -11.93 -11.11
N LEU B 213 -20.67 -11.94 -9.84
CA LEU B 213 -21.07 -10.83 -8.95
C LEU B 213 -19.93 -9.90 -8.48
N GLY B 214 -20.18 -8.61 -8.52
CA GLY B 214 -19.36 -7.70 -7.74
C GLY B 214 -18.00 -7.35 -8.29
N LEU B 215 -17.19 -6.71 -7.42
CA LEU B 215 -15.96 -6.05 -7.86
C LEU B 215 -15.01 -6.96 -8.61
N MET B 216 -14.87 -8.18 -8.11
CA MET B 216 -14.03 -9.17 -8.76
C MET B 216 -14.82 -10.22 -9.53
N GLN B 217 -16.12 -9.96 -9.76
CA GLN B 217 -16.99 -10.79 -10.64
C GLN B 217 -16.98 -12.27 -10.29
N VAL B 218 -17.61 -12.59 -9.17
CA VAL B 218 -17.52 -13.94 -8.63
C VAL B 218 -18.85 -14.64 -8.91
N VAL B 219 -18.79 -15.70 -9.71
CA VAL B 219 -19.88 -16.65 -9.87
C VAL B 219 -20.02 -17.56 -8.65
N GLN B 220 -21.12 -17.44 -7.93
CA GLN B 220 -21.27 -18.17 -6.65
C GLN B 220 -21.17 -19.69 -6.77
N HIS B 221 -21.94 -20.26 -7.68
CA HIS B 221 -21.96 -21.73 -7.87
C HIS B 221 -20.63 -22.30 -8.42
N THR B 222 -19.70 -21.43 -8.84
CA THR B 222 -18.44 -21.87 -9.42
C THR B 222 -17.23 -21.60 -8.49
N ALA B 223 -16.71 -20.38 -8.42
CA ALA B 223 -15.50 -20.09 -7.62
C ALA B 223 -15.87 -19.77 -6.22
N GLY B 224 -16.92 -18.98 -6.09
CA GLY B 224 -17.50 -18.74 -4.79
C GLY B 224 -17.69 -20.05 -4.06
N LYS B 225 -18.26 -21.04 -4.75
CA LYS B 225 -18.51 -22.35 -4.15
C LYS B 225 -17.22 -23.02 -3.84
N ASP B 226 -16.31 -22.93 -4.80
CA ASP B 226 -15.05 -23.58 -4.69
C ASP B 226 -14.32 -23.04 -3.47
N VAL B 227 -14.40 -21.73 -3.26
CA VAL B 227 -13.66 -21.04 -2.19
C VAL B 227 -14.17 -21.38 -0.80
N PHE B 228 -15.46 -21.64 -0.65
CA PHE B 228 -16.01 -22.01 0.64
C PHE B 228 -15.62 -23.43 1.10
N ARG B 229 -15.48 -24.36 0.16
CA ARG B 229 -15.05 -25.69 0.55
C ARG B 229 -13.63 -25.59 1.10
N SER B 230 -12.79 -24.76 0.47
CA SER B 230 -11.38 -24.67 0.86
C SER B 230 -11.16 -24.01 2.23
N GLN B 231 -12.25 -23.46 2.78
CA GLN B 231 -12.23 -22.75 4.05
C GLN B 231 -13.10 -23.38 5.08
N GLY B 232 -13.71 -24.51 4.75
CA GLY B 232 -14.62 -25.20 5.65
C GLY B 232 -16.08 -24.74 5.52
N LYS B 233 -16.32 -23.52 5.09
CA LYS B 233 -17.70 -23.04 4.97
C LYS B 233 -18.44 -24.03 4.10
N SER B 234 -19.69 -24.29 4.46
CA SER B 234 -20.43 -25.45 3.94
C SER B 234 -21.56 -25.09 2.97
N GLY B 235 -21.39 -24.03 2.20
CA GLY B 235 -22.43 -23.65 1.28
C GLY B 235 -21.81 -22.98 0.09
N THR B 236 -22.64 -22.23 -0.63
CA THR B 236 -22.20 -21.31 -1.67
C THR B 236 -22.40 -19.87 -1.16
N PRO B 237 -21.42 -18.98 -1.46
CA PRO B 237 -21.47 -17.55 -1.11
C PRO B 237 -22.78 -16.90 -1.45
N SER B 238 -23.39 -16.26 -0.47
CA SER B 238 -24.67 -15.56 -0.61
C SER B 238 -24.63 -14.49 -1.72
N ARG B 239 -25.75 -13.86 -2.03
CA ARG B 239 -25.73 -12.68 -2.94
C ARG B 239 -25.40 -11.36 -2.19
N SER B 240 -26.06 -11.12 -1.04
CA SER B 240 -25.72 -10.01 -0.12
C SER B 240 -24.20 -9.91 0.13
N PHE B 241 -23.60 -11.08 0.19
CA PHE B 241 -22.21 -11.25 0.58
C PHE B 241 -21.25 -10.90 -0.57
N LEU B 242 -21.68 -11.04 -1.82
CA LEU B 242 -20.75 -10.77 -2.92
C LEU B 242 -20.87 -9.36 -3.45
N PHE B 243 -21.96 -8.72 -3.09
CA PHE B 243 -22.06 -7.28 -3.26
C PHE B 243 -21.56 -6.56 -2.00
N ASP B 244 -20.84 -7.29 -1.15
CA ASP B 244 -20.08 -6.66 -0.10
C ASP B 244 -18.61 -6.67 -0.54
N PRO B 245 -18.12 -5.50 -1.01
CA PRO B 245 -16.74 -5.29 -1.46
C PRO B 245 -15.69 -6.07 -0.68
N ALA B 246 -15.73 -5.97 0.64
CA ALA B 246 -14.73 -6.67 1.46
C ALA B 246 -14.82 -8.18 1.27
N SER B 247 -16.03 -8.70 1.45
CA SER B 247 -16.26 -10.13 1.31
C SER B 247 -15.91 -10.61 -0.11
N ASN B 248 -16.06 -9.73 -1.10
CA ASN B 248 -15.87 -10.07 -2.51
C ASN B 248 -14.41 -10.28 -2.79
N ILE B 249 -13.65 -9.24 -2.47
CA ILE B 249 -12.22 -9.17 -2.69
C ILE B 249 -11.47 -10.29 -1.96
N ASP B 250 -11.89 -10.60 -0.73
CA ASP B 250 -11.35 -11.78 -0.04
C ASP B 250 -11.68 -13.07 -0.84
N THR B 251 -12.89 -13.13 -1.41
CA THR B 251 -13.34 -14.31 -2.12
C THR B 251 -12.60 -14.45 -3.45
N GLY B 252 -12.48 -13.36 -4.20
CA GLY B 252 -11.73 -13.38 -5.47
C GLY B 252 -10.26 -13.71 -5.26
N THR B 253 -9.66 -13.09 -4.27
CA THR B 253 -8.26 -13.29 -4.04
C THR B 253 -8.02 -14.71 -3.55
N ALA B 254 -9.00 -15.22 -2.80
CA ALA B 254 -8.93 -16.58 -2.28
C ALA B 254 -8.93 -17.56 -3.42
N TYR B 255 -9.74 -17.29 -4.42
CA TYR B 255 -9.72 -18.14 -5.59
C TYR B 255 -8.38 -18.00 -6.33
N LEU B 256 -7.95 -16.77 -6.58
CA LEU B 256 -6.65 -16.52 -7.21
C LEU B 256 -5.54 -17.30 -6.55
N ALA B 257 -5.59 -17.39 -5.23
CA ALA B 257 -4.62 -18.21 -4.51
C ALA B 257 -4.94 -19.69 -4.71
N MET B 258 -6.21 -20.07 -4.52
CA MET B 258 -6.63 -21.42 -4.81
C MET B 258 -6.28 -21.91 -6.24
N LEU B 259 -6.18 -21.01 -7.21
CA LEU B 259 -5.88 -21.43 -8.56
C LEU B 259 -4.39 -21.64 -8.67
N ASN B 260 -3.67 -20.91 -7.82
CA ASN B 260 -2.25 -20.86 -7.90
C ASN B 260 -1.58 -21.96 -7.11
N ASN B 261 -2.22 -22.39 -6.02
CA ASN B 261 -1.68 -23.45 -5.15
C ASN B 261 -2.52 -24.72 -5.15
N VAL B 262 -3.30 -24.93 -6.19
CA VAL B 262 -4.09 -26.15 -6.26
C VAL B 262 -4.16 -26.58 -7.72
N TYR B 263 -4.95 -25.88 -8.50
CA TYR B 263 -5.20 -26.27 -9.84
C TYR B 263 -3.98 -26.13 -10.74
N LEU B 264 -3.15 -25.16 -10.43
CA LEU B 264 -2.03 -24.84 -11.28
C LEU B 264 -0.73 -24.87 -10.49
N GLY B 265 -0.71 -25.65 -9.41
CA GLY B 265 0.52 -25.97 -8.67
C GLY B 265 1.54 -26.76 -9.51
N GLY B 266 1.09 -27.34 -10.63
CA GLY B 266 1.96 -28.08 -11.53
C GLY B 266 2.89 -27.22 -12.37
N ILE B 267 2.70 -25.90 -12.30
CA ILE B 267 3.53 -24.92 -13.01
C ILE B 267 4.59 -24.34 -12.06
N ASP B 268 5.85 -24.62 -12.37
CA ASP B 268 6.99 -24.31 -11.50
C ASP B 268 7.40 -22.83 -11.58
N ASN B 269 7.50 -22.29 -12.80
CA ASN B 269 7.82 -20.88 -12.94
C ASN B 269 6.64 -20.02 -12.54
N PRO B 270 6.81 -19.17 -11.51
CA PRO B 270 5.70 -18.34 -11.03
C PRO B 270 5.16 -17.35 -12.07
N THR B 271 5.99 -16.91 -13.01
CA THR B 271 5.50 -16.01 -14.05
C THR B 271 4.56 -16.75 -14.98
N SER B 272 4.91 -17.98 -15.36
CA SER B 272 4.03 -18.75 -16.22
C SER B 272 2.73 -19.10 -15.51
N ARG B 273 2.83 -19.38 -14.21
CA ARG B 273 1.66 -19.66 -13.39
C ARG B 273 0.67 -18.52 -13.48
N ARG B 274 1.17 -17.30 -13.35
CA ARG B 274 0.28 -16.15 -13.38
C ARG B 274 -0.53 -16.12 -14.67
N TYR B 275 0.17 -16.20 -15.80
CA TYR B 275 -0.49 -16.17 -17.10
C TYR B 275 -1.58 -17.24 -17.22
N ALA B 276 -1.34 -18.41 -16.64
CA ALA B 276 -2.36 -19.42 -16.55
C ALA B 276 -3.36 -19.08 -15.44
N VAL B 277 -2.88 -18.58 -14.30
CA VAL B 277 -3.76 -18.23 -13.18
C VAL B 277 -4.80 -17.23 -13.66
N ILE B 278 -4.27 -16.24 -14.36
CA ILE B 278 -5.02 -15.13 -14.87
C ILE B 278 -6.03 -15.63 -15.88
N THR B 279 -5.53 -16.29 -16.93
CA THR B 279 -6.36 -16.82 -18.00
C THR B 279 -7.53 -17.61 -17.41
N ALA B 280 -7.23 -18.40 -16.38
CA ALA B 280 -8.18 -19.31 -15.74
C ALA B 280 -9.20 -18.64 -14.82
N TYR B 281 -8.90 -17.42 -14.39
CA TYR B 281 -9.76 -16.76 -13.42
C TYR B 281 -11.07 -16.49 -14.11
N ASN B 282 -10.94 -16.33 -15.42
CA ASN B 282 -12.05 -15.99 -16.30
C ASN B 282 -12.63 -17.24 -16.92
N GLY B 283 -11.76 -18.13 -17.41
CA GLY B 283 -12.19 -19.30 -18.17
C GLY B 283 -12.06 -20.65 -17.48
N GLY B 284 -11.77 -20.65 -16.18
CA GLY B 284 -11.56 -21.88 -15.43
C GLY B 284 -10.20 -22.49 -15.77
N ALA B 285 -9.68 -23.31 -14.85
CA ALA B 285 -8.37 -23.93 -15.00
C ALA B 285 -8.35 -24.97 -16.10
N GLY B 286 -9.39 -25.79 -16.13
CA GLY B 286 -9.49 -26.88 -17.10
C GLY B 286 -9.29 -26.34 -18.48
N SER B 287 -10.06 -25.29 -18.77
CA SER B 287 -9.97 -24.57 -20.03
C SER B 287 -8.52 -24.33 -20.39
N VAL B 288 -7.78 -23.83 -19.41
CA VAL B 288 -6.39 -23.45 -19.61
C VAL B 288 -5.53 -24.62 -20.02
N LEU B 289 -5.62 -25.69 -19.26
CA LEU B 289 -4.77 -26.84 -19.51
C LEU B 289 -5.22 -27.52 -20.80
N ARG B 290 -6.52 -27.49 -21.07
CA ARG B 290 -7.01 -28.10 -22.29
C ARG B 290 -6.63 -27.28 -23.52
N VAL B 291 -5.66 -26.38 -23.33
CA VAL B 291 -4.97 -25.71 -24.42
C VAL B 291 -3.65 -26.43 -24.63
N PHE B 292 -3.41 -27.49 -23.86
CA PHE B 292 -2.12 -28.15 -23.87
C PHE B 292 -2.26 -29.66 -24.00
N SER B 293 -3.07 -30.25 -23.15
CA SER B 293 -3.30 -31.69 -23.16
C SER B 293 -4.45 -31.99 -22.23
N ASN B 294 -5.30 -32.93 -22.62
CA ASN B 294 -6.55 -33.23 -21.87
C ASN B 294 -6.28 -33.95 -20.54
N ASP B 295 -4.99 -34.12 -20.23
CA ASP B 295 -4.49 -34.59 -18.95
C ASP B 295 -3.86 -33.40 -18.23
N LYS B 296 -4.17 -33.27 -16.95
CA LYS B 296 -3.83 -32.09 -16.19
C LYS B 296 -2.44 -32.14 -15.59
N ILE B 297 -1.61 -33.03 -16.10
CA ILE B 297 -0.20 -33.11 -15.74
C ILE B 297 0.60 -33.17 -17.04
N GLN B 298 -0.01 -33.74 -18.07
CA GLN B 298 0.53 -33.63 -19.40
C GLN B 298 0.69 -32.18 -19.74
N ALA B 299 -0.40 -31.43 -19.57
CA ALA B 299 -0.42 -30.01 -19.85
C ALA B 299 0.60 -29.27 -18.97
N ALA B 300 0.42 -29.36 -17.65
CA ALA B 300 1.35 -28.78 -16.68
C ALA B 300 2.82 -28.95 -17.11
N ASN B 301 3.13 -30.12 -17.64
CA ASN B 301 4.49 -30.42 -18.11
C ASN B 301 4.80 -29.78 -19.46
N ILE B 302 3.79 -29.66 -20.31
CA ILE B 302 3.90 -28.92 -21.55
C ILE B 302 4.32 -27.47 -21.27
N ILE B 303 3.83 -26.92 -20.16
CA ILE B 303 4.08 -25.54 -19.81
C ILE B 303 5.53 -25.32 -19.41
N ASN B 304 6.08 -26.19 -18.56
CA ASN B 304 7.46 -26.03 -18.09
C ASN B 304 8.48 -26.24 -19.23
N THR B 305 8.01 -26.92 -20.27
CA THR B 305 8.71 -26.98 -21.53
C THR B 305 9.14 -25.55 -21.93
N MET B 306 8.12 -24.70 -22.08
CA MET B 306 8.26 -23.38 -22.70
C MET B 306 8.47 -22.24 -21.69
N THR B 307 9.14 -21.16 -22.13
CA THR B 307 9.38 -19.99 -21.28
C THR B 307 8.09 -19.27 -20.96
N PRO B 308 8.06 -18.50 -19.85
CA PRO B 308 6.88 -17.66 -19.53
C PRO B 308 6.41 -16.78 -20.69
N GLY B 309 7.34 -16.32 -21.52
CA GLY B 309 7.02 -15.48 -22.67
C GLY B 309 6.38 -16.24 -23.80
N ASP B 310 6.74 -17.51 -23.92
CA ASP B 310 6.07 -18.44 -24.84
C ASP B 310 4.67 -18.78 -24.34
N VAL B 311 4.57 -19.12 -23.06
CA VAL B 311 3.28 -19.39 -22.41
C VAL B 311 2.26 -18.29 -22.71
N TYR B 312 2.65 -17.06 -22.42
CA TYR B 312 1.86 -15.88 -22.71
C TYR B 312 1.48 -15.78 -24.18
N GLN B 313 2.42 -16.06 -25.09
CA GLN B 313 2.15 -16.03 -26.56
C GLN B 313 1.11 -17.07 -26.97
N THR B 314 1.34 -18.32 -26.53
CA THR B 314 0.43 -19.45 -26.72
C THR B 314 -0.95 -19.14 -26.18
N LEU B 315 -1.00 -18.83 -24.89
CA LEU B 315 -2.26 -18.51 -24.22
C LEU B 315 -3.01 -17.28 -24.72
N THR B 316 -2.36 -16.33 -25.38
CA THR B 316 -3.07 -15.17 -25.97
C THR B 316 -3.39 -15.29 -27.45
N THR B 317 -3.02 -16.42 -28.08
CA THR B 317 -3.38 -16.66 -29.48
C THR B 317 -3.98 -18.07 -29.67
N ARG B 318 -3.17 -19.08 -29.43
CA ARG B 318 -3.55 -20.49 -29.61
C ARG B 318 -4.49 -20.99 -28.48
N HIS B 319 -5.51 -20.21 -28.13
CA HIS B 319 -6.40 -20.55 -27.01
C HIS B 319 -7.82 -20.58 -27.56
N PRO B 320 -8.62 -21.60 -27.17
CA PRO B 320 -9.97 -21.75 -27.76
C PRO B 320 -10.82 -20.46 -27.70
N SER B 321 -10.92 -19.85 -26.52
CA SER B 321 -11.79 -18.67 -26.38
C SER B 321 -11.15 -17.41 -26.89
N ALA B 322 -11.84 -16.76 -27.82
CA ALA B 322 -11.52 -15.37 -28.16
C ALA B 322 -11.61 -14.52 -26.90
N GLU B 323 -12.54 -14.84 -26.01
CA GLU B 323 -12.72 -14.11 -24.75
C GLU B 323 -11.49 -14.07 -23.87
N SER B 324 -10.83 -15.21 -23.71
CA SER B 324 -9.76 -15.38 -22.72
C SER B 324 -8.38 -14.95 -23.23
N ARG B 325 -8.20 -15.01 -24.54
CA ARG B 325 -7.04 -14.42 -25.19
C ARG B 325 -7.03 -12.90 -25.00
N ARG B 326 -8.21 -12.28 -25.15
CA ARG B 326 -8.39 -10.83 -24.96
C ARG B 326 -8.15 -10.49 -23.51
N TYR B 327 -8.65 -11.35 -22.64
CA TYR B 327 -8.61 -11.17 -21.20
C TYR B 327 -7.22 -11.15 -20.58
N LEU B 328 -6.40 -12.15 -20.91
CA LEU B 328 -5.03 -12.20 -20.42
C LEU B 328 -4.25 -10.92 -20.72
N TYR B 329 -4.37 -10.45 -21.95
CA TYR B 329 -3.74 -9.19 -22.38
C TYR B 329 -4.16 -7.96 -21.54
N LYS B 330 -5.46 -7.70 -21.47
CA LYS B 330 -5.98 -6.58 -20.69
C LYS B 330 -5.52 -6.59 -19.23
N VAL B 331 -5.43 -7.78 -18.63
CA VAL B 331 -5.09 -7.97 -17.21
C VAL B 331 -3.59 -7.85 -16.95
N ASN B 332 -2.81 -8.48 -17.82
CA ASN B 332 -1.36 -8.37 -17.73
C ASN B 332 -0.94 -6.92 -17.90
N THR B 333 -1.39 -6.35 -19.00
CA THR B 333 -1.18 -4.94 -19.27
C THR B 333 -1.56 -4.09 -18.04
N ALA B 334 -2.71 -4.40 -17.44
CA ALA B 334 -3.17 -3.65 -16.25
C ALA B 334 -2.21 -3.80 -15.08
N GLN B 335 -1.69 -5.02 -14.93
CA GLN B 335 -0.87 -5.38 -13.79
C GLN B 335 0.41 -4.57 -13.81
N LYS B 336 0.92 -4.27 -15.00
CA LYS B 336 2.14 -3.45 -15.12
C LYS B 336 2.03 -2.00 -14.61
N SER B 337 0.81 -1.50 -14.40
CA SER B 337 0.61 -0.19 -13.77
C SER B 337 0.74 -0.39 -12.30
N TYR B 338 0.00 -1.37 -11.80
CA TYR B 338 -0.13 -1.62 -10.40
C TYR B 338 1.09 -2.37 -9.86
N ARG B 339 1.72 -3.14 -10.75
CA ARG B 339 2.93 -3.90 -10.45
C ARG B 339 4.00 -3.07 -9.74
N ARG B 340 4.03 -1.75 -9.99
CA ARG B 340 5.20 -0.88 -9.70
C ARG B 340 5.05 0.10 -8.48
N ARG B 341 5.66 -0.26 -7.37
CA ARG B 341 5.51 0.45 -6.09
C ARG B 341 6.44 1.66 -5.93
C3A NM9 C . 25.22 14.58 8.21
C1 NM9 C . 22.48 10.96 8.27
N3A NM9 C . 26.57 14.44 6.21
O4 NM9 C . 21.70 14.59 6.65
O7 NM9 C . 24.45 11.76 10.83
C1B NM9 C . 23.47 8.87 8.50
C3B NM9 C . 24.57 15.75 8.90
C2 NM9 C . 23.70 11.65 7.85
C3E NM9 C . 26.57 14.62 7.55
C3 NM9 C . 23.32 13.12 7.77
C4 NM9 C . 22.24 13.30 6.68
C5 NM9 C . 21.11 12.35 6.96
C6 NM9 C . 20.34 11.95 5.78
C7 NM9 C . 25.14 11.43 9.95
C8 NM9 C . 26.51 10.99 10.16
N2 NM9 C . 24.82 11.37 8.63
OCA NM9 C . 27.56 14.77 8.19
O1 NM9 C . 22.40 9.63 8.68
O3 NM9 C . 24.42 13.87 7.49
O6 NM9 C . 19.71 10.89 6.32
O5 NM9 C . 21.62 11.12 7.19
C1 NAG C . 21.78 15.23 5.39
C2 NAG C . 20.56 15.99 5.28
C3 NAG C . 20.70 17.07 4.22
C4 NAG C . 21.96 17.88 4.34
C5 NAG C . 23.09 16.97 4.43
C6 NAG C . 24.11 17.68 5.06
C7 NAG C . 18.42 14.92 5.63
C8 NAG C . 17.33 14.06 5.27
N2 NAG C . 19.56 15.13 4.83
O3 NAG C . 19.80 18.01 4.46
O4 NAG C . 22.11 18.62 3.17
O5 NAG C . 22.87 16.04 5.45
O6 NAG C . 25.10 16.83 4.80
O7 NAG C . 18.25 15.46 6.59
O4 NM6 C . 21.46 23.79 2.36
C3A NM6 C . 23.86 23.60 0.58
C1 NM6 C . 22.36 19.97 3.28
C3B NM6 C . 23.41 23.95 -0.79
C2 NM6 C . 23.02 20.49 2.04
C3C NM6 C . 25.14 23.83 0.72
C3 NM6 C . 22.91 21.97 2.03
C4 NM6 C . 21.46 22.42 2.13
N3A NM6 C . 26.07 23.73 -0.29
O7 NM6 C . 24.86 20.33 0.07
O3B NM6 C . 25.56 24.09 1.81
O3 NM6 C . 23.41 22.29 0.83
C5 NM6 C . 20.81 21.74 3.31
C6 NM6 C . 19.34 21.84 3.41
C7 NM6 C . 25.19 20.04 1.10
C8 NM6 C . 26.55 19.61 1.27
N2 NM6 C . 24.34 20.11 2.15
O6 NM6 C . 18.74 21.57 2.23
O5 NM6 C . 21.08 20.40 3.24
C1 NAG C . 20.41 24.26 1.63
C2 NAG C . 20.04 25.56 2.20
C3 NAG C . 19.22 26.26 1.18
C4 NAG C . 19.95 26.50 -0.04
C5 NAG C . 20.33 25.21 -0.60
C6 NAG C . 21.13 25.54 -1.77
C7 NAG C . 19.28 25.52 4.52
C8 NAG C . 18.22 25.52 5.53
N2 NAG C . 19.05 25.54 3.16
O3 NAG C . 18.80 27.45 1.66
O4 NAG C . 18.91 26.84 -0.83
O5 NAG C . 21.02 24.43 0.39
O6 NAG C . 21.05 24.47 -2.59
O7 NAG C . 20.35 25.52 4.89
C3A NM9 D . -18.87 -16.76 -17.38
C1 NM9 D . -17.11 -13.03 -15.94
N3A NM9 D . -17.19 -17.67 -18.79
O4 NM9 D . -16.27 -16.52 -14.01
O7 NM9 D . -20.38 -13.13 -16.72
C1B NM9 D . -16.31 -11.59 -17.48
C3B NM9 D . -19.93 -17.38 -16.54
C2 NM9 D . -17.37 -14.15 -16.83
C3E NM9 D . -18.44 -17.18 -18.74
C3 NM9 D . -17.51 -15.36 -15.91
C4 NM9 D . -16.19 -15.58 -15.07
C5 NM9 D . -15.80 -14.25 -14.46
C6 NM9 D . -14.38 -14.00 -14.08
C7 NM9 D . -19.71 -13.33 -17.66
C8 NM9 D . -20.28 -13.07 -18.98
N2 NM9 D . -18.40 -13.79 -17.70
OCA NM9 D . -19.07 -17.06 -19.74
O1 NM9 D . -17.02 -11.72 -16.36
O3 NM9 D . -17.84 -16.46 -16.67
O6 NM9 D . -14.69 -13.19 -13.04
O5 NM9 D . -15.89 -13.27 -15.40
C1 NAG D . -15.35 -17.61 -14.10
C2 NAG D . -15.14 -18.12 -12.75
C3 NAG D . -14.48 -19.49 -12.79
C4 NAG D . -15.16 -20.43 -13.72
C5 NAG D . -15.32 -19.81 -15.03
C6 NAG D . -16.40 -20.45 -15.63
C7 NAG D . -14.79 -16.72 -10.80
C8 NAG D . -13.98 -15.87 -9.95
N2 NAG D . -14.31 -17.28 -11.99
O3 NAG D . -14.65 -20.12 -11.64
O4 NAG D . -14.37 -21.60 -13.86
O5 NAG D . -15.95 -18.59 -14.85
O6 NAG D . -16.25 -20.06 -16.89
O7 NAG D . -15.82 -16.90 -10.42
O4 NM6 D . -14.88 -26.40 -11.33
C3A NM6 D . -15.58 -27.38 -14.09
C1 NM6 D . -14.90 -22.82 -13.37
C3B NM6 D . -14.79 -28.61 -14.36
C2 NM6 D . -14.41 -24.00 -14.13
C3C NM6 D . -16.47 -27.33 -15.05
C3 NM6 D . -14.96 -25.22 -13.42
C4 NM6 D . -14.41 -25.27 -12.00
N3A NM6 D . -17.74 -27.18 -14.62
O7 NM6 D . -13.30 -24.85 -16.45
O3B NM6 D . -16.31 -27.43 -16.25
O3 NM6 D . -14.60 -26.36 -14.00
C5 NM6 D . -14.99 -24.08 -11.35
C6 NM6 D . -14.53 -24.00 -9.96
C7 NM6 D . -14.33 -24.36 -16.50
C8 NM6 D . -14.93 -24.23 -17.83
N2 NM6 D . -14.96 -23.90 -15.39
O6 NM6 D . -13.47 -23.19 -10.09
O5 NM6 D . -14.55 -22.94 -12.04
C1 NAG D . -13.97 -26.85 -10.40
C2 NAG D . -14.76 -27.79 -9.59
C3 NAG D . -13.80 -28.65 -8.86
C4 NAG D . -13.03 -29.47 -9.78
C5 NAG D . -12.22 -28.59 -10.59
C6 NAG D . -11.53 -29.47 -11.52
C7 NAG D . -16.63 -26.74 -8.45
C8 NAG D . -17.30 -26.25 -7.22
N2 NAG D . -15.37 -27.30 -8.47
O3 NAG D . -14.45 -29.40 -7.94
O4 NAG D . -12.10 -30.02 -8.93
O5 NAG D . -13.01 -27.53 -11.18
O6 NAG D . -11.02 -28.52 -12.30
O7 NAG D . -17.22 -26.65 -9.42
#